data_6G07
#
_entry.id   6G07
#
_cell.length_a   85.935
_cell.length_b   68.058
_cell.length_c   96.522
_cell.angle_alpha   90.000
_cell.angle_beta   110.830
_cell.angle_gamma   90.000
#
_symmetry.space_group_name_H-M   'P 1 21 1'
#
loop_
_entity.id
_entity.type
_entity.pdbx_description
1 polymer 'Nuclear receptor ROR-gamma'
2 polymer 'Nuclear receptor-interacting protein 1'
3 non-polymer ~{N}-[5-chloranyl-6-[(1~{S})-1-phenylethoxy]pyridin-3-yl]-2-(4-ethylsulfonylphenyl)ethanamide
4 water water
#
loop_
_entity_poly.entity_id
_entity_poly.type
_entity_poly.pdbx_seq_one_letter_code
_entity_poly.pdbx_strand_id
1 'polypeptide(L)'
;GPYASLTEIEHLVQSVCKSYRETCQLRLEDLLRQRSNIFSREEVTGYQRKSMWEMWERCAHHLTEAIQYVVEFAKRLSGF
MELCQNDQIVLLKAGAMEVVLVRMCRAYNADNRTVFFEGKYGGMELFRALGCSELISSIFDFSHSLSALHFSEDEIALYT
ALVLINAHRPGLQEKRKVEQLQYNLELAFHHHLSKTHRQSILAKLPPKGKLRSLCSQHVERLQIFQHLHPIVVQAAFPPL
YKELFSTETESPVGLSK
;
A,B,C,D
2 'polypeptide(L)' NSHQKVTLLQLLLGHKNEEN P,Q,R,S
#
# COMPACT_ATOMS: atom_id res chain seq x y z
N TYR A 3 31.38 42.68 -23.66
CA TYR A 3 32.61 41.82 -23.68
C TYR A 3 32.89 41.28 -22.29
N ALA A 4 32.38 40.08 -22.01
CA ALA A 4 32.43 39.50 -20.67
C ALA A 4 33.85 39.18 -20.22
N SER A 5 34.24 39.74 -19.07
CA SER A 5 35.56 39.50 -18.49
C SER A 5 35.69 38.05 -18.05
N LEU A 6 36.94 37.62 -17.82
CA LEU A 6 37.19 36.27 -17.29
C LEU A 6 36.47 36.04 -15.97
N THR A 7 36.44 37.07 -15.12
CA THR A 7 35.72 37.01 -13.84
C THR A 7 34.22 36.80 -14.08
N GLU A 8 33.68 37.53 -15.04
CA GLU A 8 32.25 37.41 -15.37
C GLU A 8 31.91 36.04 -15.95
N ILE A 9 32.81 35.51 -16.78
CA ILE A 9 32.64 34.16 -17.35
C ILE A 9 32.69 33.09 -16.25
N GLU A 10 33.66 33.21 -15.33
CA GLU A 10 33.76 32.32 -14.17
C GLU A 10 32.50 32.37 -13.32
N HIS A 11 31.99 33.59 -13.10
CA HIS A 11 30.74 33.77 -12.37
C HIS A 11 29.55 33.15 -13.11
N LEU A 12 29.55 33.24 -14.44
CA LEU A 12 28.51 32.61 -15.25
C LEU A 12 28.51 31.09 -15.12
N VAL A 13 29.69 30.49 -15.14
CA VAL A 13 29.84 29.04 -14.91
C VAL A 13 29.17 28.64 -13.60
N GLN A 14 29.54 29.34 -12.52
CA GLN A 14 29.01 29.07 -11.18
CA GLN A 14 29.01 29.04 -11.19
C GLN A 14 27.49 29.23 -11.14
N SER A 15 27.00 30.28 -11.79
CA SER A 15 25.56 30.58 -11.82
C SER A 15 24.75 29.51 -12.56
N VAL A 16 25.26 29.08 -13.71
CA VAL A 16 24.61 28.04 -14.51
C VAL A 16 24.57 26.72 -13.75
N CYS A 17 25.71 26.37 -13.13
CA CYS A 17 25.80 25.13 -12.36
C CYS A 17 24.87 25.13 -11.15
N LYS A 18 24.73 26.28 -10.51
CA LYS A 18 23.80 26.44 -9.38
C LYS A 18 22.34 26.30 -9.83
N SER A 19 21.98 26.96 -10.94
CA SER A 19 20.63 26.89 -11.48
C SER A 19 20.27 25.45 -11.82
N TYR A 20 21.22 24.72 -12.39
CA TYR A 20 21.00 23.33 -12.74
C TYR A 20 20.84 22.44 -11.50
N ARG A 21 21.77 22.55 -10.55
CA ARG A 21 21.71 21.77 -9.31
C ARG A 21 20.36 21.91 -8.63
N GLU A 22 19.83 23.14 -8.63
CA GLU A 22 18.57 23.45 -7.97
C GLU A 22 17.34 22.92 -8.68
N THR A 23 17.51 22.48 -9.93
CA THR A 23 16.36 22.11 -10.78
C THR A 23 16.57 20.79 -11.53
N CYS A 24 17.54 19.99 -11.09
CA CYS A 24 17.92 18.78 -11.85
C CYS A 24 16.93 17.61 -11.74
N GLN A 25 15.90 17.81 -10.92
CA GLN A 25 14.77 16.87 -10.74
C GLN A 25 15.13 15.70 -9.83
N LEU A 26 15.85 14.71 -10.37
CA LEU A 26 16.36 13.61 -9.56
C LEU A 26 17.85 13.73 -9.33
N ARG A 27 18.29 13.31 -8.14
CA ARG A 27 19.70 13.23 -7.80
C ARG A 27 20.37 12.16 -8.64
N LEU A 28 21.52 12.50 -9.22
CA LEU A 28 22.29 11.53 -10.00
C LEU A 28 22.60 10.27 -9.17
N GLU A 29 23.00 10.48 -7.92
CA GLU A 29 23.33 9.39 -7.02
C GLU A 29 22.17 8.40 -6.85
N ASP A 30 20.95 8.92 -6.78
CA ASP A 30 19.76 8.08 -6.66
C ASP A 30 19.49 7.27 -7.93
N LEU A 31 19.66 7.89 -9.09
CA LEU A 31 19.53 7.20 -10.37
C LEU A 31 20.55 6.05 -10.50
N LEU A 32 21.79 6.33 -10.12
CA LEU A 32 22.86 5.33 -10.18
C LEU A 32 22.66 4.19 -9.17
N ARG A 33 22.15 4.53 -7.99
CA ARG A 33 21.84 3.53 -6.95
C ARG A 33 20.78 2.53 -7.40
N GLN A 34 19.86 3.00 -8.26
CA GLN A 34 18.75 2.20 -8.74
C GLN A 34 19.10 1.30 -9.93
N ARG A 35 20.35 1.33 -10.37
CA ARG A 35 20.76 0.60 -11.59
C ARG A 35 20.58 -0.91 -11.53
N SER A 36 20.69 -1.47 -10.33
CA SER A 36 20.52 -2.91 -10.12
CA SER A 36 20.52 -2.91 -10.13
C SER A 36 19.04 -3.30 -10.12
N ASN A 37 18.17 -2.31 -9.99
CA ASN A 37 16.72 -2.52 -9.99
CA ASN A 37 16.73 -2.53 -10.00
C ASN A 37 16.18 -2.49 -11.42
N ILE A 38 16.09 -3.67 -12.03
CA ILE A 38 15.70 -3.83 -13.43
C ILE A 38 14.35 -4.53 -13.54
N PHE A 39 13.51 -4.07 -14.46
CA PHE A 39 12.22 -4.71 -14.73
C PHE A 39 12.43 -6.16 -15.14
N SER A 40 11.59 -7.04 -14.57
CA SER A 40 11.62 -8.45 -14.91
C SER A 40 10.98 -8.69 -16.28
N ARG A 41 11.18 -9.89 -16.82
CA ARG A 41 10.57 -10.28 -18.10
C ARG A 41 9.05 -10.11 -18.07
N GLU A 42 8.44 -10.48 -16.95
CA GLU A 42 6.99 -10.37 -16.76
C GLU A 42 6.52 -8.92 -16.65
N GLU A 43 7.32 -8.10 -15.97
CA GLU A 43 7.02 -6.66 -15.84
C GLU A 43 7.07 -5.99 -17.20
N VAL A 44 8.14 -6.26 -17.95
CA VAL A 44 8.27 -5.77 -19.32
C VAL A 44 7.06 -6.18 -20.18
N THR A 45 6.70 -7.46 -20.10
CA THR A 45 5.53 -7.98 -20.81
C THR A 45 4.24 -7.21 -20.44
N GLY A 46 4.08 -6.93 -19.15
CA GLY A 46 2.96 -6.12 -18.65
C GLY A 46 2.84 -4.76 -19.33
N TYR A 47 3.98 -4.08 -19.48
CA TYR A 47 4.01 -2.79 -20.18
C TYR A 47 3.71 -2.92 -21.67
N GLN A 48 4.27 -3.95 -22.30
CA GLN A 48 4.07 -4.21 -23.72
C GLN A 48 2.60 -4.51 -24.05
N ARG A 49 1.89 -5.08 -23.08
CA ARG A 49 0.49 -5.44 -23.26
C ARG A 49 -0.50 -4.31 -22.88
N LYS A 50 0.04 -3.18 -22.41
CA LYS A 50 -0.78 -1.99 -22.17
C LYS A 50 -1.32 -1.43 -23.47
N SER A 51 -2.44 -0.72 -23.40
CA SER A 51 -3.01 -0.09 -24.59
C SER A 51 -2.10 1.05 -25.05
N MET A 52 -2.14 1.34 -26.35
CA MET A 52 -1.38 2.44 -26.89
C MET A 52 -1.72 3.77 -26.18
N TRP A 53 -3.02 4.01 -25.95
CA TRP A 53 -3.43 5.26 -25.33
C TRP A 53 -2.91 5.40 -23.91
N GLU A 54 -2.94 4.32 -23.13
CA GLU A 54 -2.50 4.39 -21.74
C GLU A 54 -1.00 4.62 -21.64
N MET A 55 -0.23 3.95 -22.50
CA MET A 55 1.21 4.12 -22.52
C MET A 55 1.61 5.54 -22.95
N TRP A 56 0.93 6.08 -23.97
CA TRP A 56 1.17 7.47 -24.38
C TRP A 56 0.83 8.44 -23.26
N GLU A 57 -0.29 8.20 -22.58
CA GLU A 57 -0.72 9.05 -21.47
C GLU A 57 0.30 9.07 -20.32
N ARG A 58 0.83 7.91 -19.98
CA ARG A 58 1.85 7.79 -18.94
C ARG A 58 3.09 8.57 -19.33
N CYS A 59 3.57 8.34 -20.54
CA CYS A 59 4.77 8.98 -21.03
C CYS A 59 4.64 10.50 -21.15
N ALA A 60 3.48 10.96 -21.62
CA ALA A 60 3.22 12.40 -21.73
C ALA A 60 3.26 13.08 -20.36
N HIS A 61 2.71 12.41 -19.34
CA HIS A 61 2.74 12.88 -17.95
CA HIS A 61 2.76 12.94 -17.99
C HIS A 61 4.18 12.99 -17.44
N HIS A 62 4.96 11.93 -17.61
CA HIS A 62 6.36 11.93 -17.15
C HIS A 62 7.18 12.99 -17.87
N LEU A 63 6.98 13.12 -19.18
CA LEU A 63 7.70 14.12 -19.96
C LEU A 63 7.35 15.53 -19.49
N THR A 64 6.06 15.77 -19.24
CA THR A 64 5.59 17.07 -18.78
C THR A 64 6.19 17.42 -17.42
N GLU A 65 6.22 16.45 -16.51
CA GLU A 65 6.89 16.64 -15.22
C GLU A 65 8.36 17.06 -15.41
N ALA A 66 9.09 16.36 -16.28
CA ALA A 66 10.47 16.71 -16.58
C ALA A 66 10.57 18.12 -17.18
N ILE A 67 9.63 18.45 -18.04
CA ILE A 67 9.59 19.78 -18.66
C ILE A 67 9.38 20.88 -17.64
N GLN A 68 8.55 20.64 -16.62
CA GLN A 68 8.32 21.64 -15.57
C GLN A 68 9.62 22.01 -14.83
N TYR A 69 10.50 21.04 -14.60
CA TYR A 69 11.80 21.31 -14.02
C TYR A 69 12.70 22.12 -14.98
N VAL A 70 12.56 21.88 -16.28
CA VAL A 70 13.32 22.63 -17.28
C VAL A 70 12.85 24.10 -17.33
N VAL A 71 11.54 24.30 -17.18
CA VAL A 71 10.99 25.67 -17.08
C VAL A 71 11.60 26.39 -15.88
N GLU A 72 11.67 25.72 -14.73
CA GLU A 72 12.28 26.27 -13.53
C GLU A 72 13.78 26.58 -13.71
N PHE A 73 14.49 25.69 -14.42
CA PHE A 73 15.88 25.91 -14.80
C PHE A 73 16.02 27.22 -15.57
N ALA A 74 15.19 27.40 -16.60
CA ALA A 74 15.20 28.61 -17.41
C ALA A 74 14.98 29.86 -16.56
N LYS A 75 13.99 29.80 -15.67
CA LYS A 75 13.65 30.93 -14.79
C LYS A 75 14.81 31.37 -13.90
N ARG A 76 15.68 30.43 -13.55
CA ARG A 76 16.81 30.71 -12.66
C ARG A 76 18.10 31.06 -13.40
N LEU A 77 18.05 30.97 -14.73
CA LEU A 77 19.17 31.36 -15.57
C LEU A 77 19.07 32.88 -15.81
N SER A 78 19.88 33.65 -15.09
CA SER A 78 19.80 35.13 -15.08
C SER A 78 19.68 35.77 -16.48
N GLY A 79 20.53 35.33 -17.40
CA GLY A 79 20.49 35.81 -18.78
C GLY A 79 19.18 35.52 -19.50
N PHE A 80 18.54 34.41 -19.15
CA PHE A 80 17.28 34.01 -19.80
C PHE A 80 16.16 35.01 -19.49
N MET A 81 16.07 35.44 -18.24
CA MET A 81 15.03 36.38 -17.83
C MET A 81 15.30 37.80 -18.34
N GLU A 82 16.54 38.03 -18.79
CA GLU A 82 16.93 39.27 -19.45
C GLU A 82 16.33 39.39 -20.85
N LEU A 83 16.04 38.26 -21.48
CA LEU A 83 15.46 38.24 -22.82
C LEU A 83 14.01 38.74 -22.78
N CYS A 84 13.51 39.20 -23.92
CA CYS A 84 12.12 39.64 -24.01
C CYS A 84 11.14 38.47 -23.86
N GLN A 85 9.89 38.78 -23.51
CA GLN A 85 8.88 37.77 -23.21
C GLN A 85 8.70 36.77 -24.36
N ASN A 86 8.59 37.29 -25.58
CA ASN A 86 8.44 36.46 -26.77
C ASN A 86 9.57 35.44 -26.90
N ASP A 87 10.80 35.91 -26.74
CA ASP A 87 11.99 35.09 -26.97
C ASP A 87 12.13 34.01 -25.90
N GLN A 88 11.77 34.33 -24.66
CA GLN A 88 11.68 33.32 -23.60
C GLN A 88 10.77 32.16 -24.02
N ILE A 89 9.60 32.50 -24.54
CA ILE A 89 8.62 31.51 -25.01
C ILE A 89 9.15 30.71 -26.20
N VAL A 90 9.69 31.41 -27.20
CA VAL A 90 10.24 30.76 -28.39
C VAL A 90 11.32 29.76 -27.98
N LEU A 91 12.23 30.17 -27.11
CA LEU A 91 13.34 29.30 -26.70
C LEU A 91 12.85 28.11 -25.90
N LEU A 92 11.93 28.32 -24.97
CA LEU A 92 11.42 27.20 -24.17
C LEU A 92 10.55 26.25 -24.98
N LYS A 93 9.70 26.79 -25.84
CA LYS A 93 8.83 25.94 -26.67
C LYS A 93 9.65 25.00 -27.55
N ALA A 94 10.73 25.52 -28.12
CA ALA A 94 11.59 24.72 -29.00
C ALA A 94 12.59 23.88 -28.20
N GLY A 95 13.03 24.42 -27.07
CA GLY A 95 14.15 23.87 -26.33
C GLY A 95 13.84 22.93 -25.18
N ALA A 96 12.61 22.98 -24.67
CA ALA A 96 12.26 22.19 -23.47
C ALA A 96 12.49 20.69 -23.67
N MET A 97 11.97 20.17 -24.78
CA MET A 97 12.14 18.76 -25.13
C MET A 97 13.60 18.39 -25.37
N GLU A 98 14.36 19.27 -26.02
CA GLU A 98 15.78 19.02 -26.27
C GLU A 98 16.55 18.92 -24.95
N VAL A 99 16.25 19.80 -24.01
CA VAL A 99 16.91 19.76 -22.69
C VAL A 99 16.58 18.48 -21.94
N VAL A 100 15.30 18.09 -21.95
CA VAL A 100 14.86 16.84 -21.34
C VAL A 100 15.59 15.63 -21.95
N LEU A 101 15.71 15.59 -23.28
CA LEU A 101 16.43 14.50 -23.94
C LEU A 101 17.87 14.39 -23.48
N VAL A 102 18.54 15.53 -23.32
CA VAL A 102 19.91 15.54 -22.84
C VAL A 102 19.99 15.10 -21.38
N ARG A 103 19.15 15.69 -20.53
CA ARG A 103 19.11 15.34 -19.10
C ARG A 103 18.87 13.85 -18.88
N MET A 104 18.06 13.24 -19.75
CA MET A 104 17.68 11.84 -19.61
CA MET A 104 17.67 11.84 -19.60
C MET A 104 18.84 10.85 -19.69
N CYS A 105 19.97 11.30 -20.25
CA CYS A 105 21.14 10.42 -20.35
C CYS A 105 21.65 10.01 -18.96
N ARG A 106 21.33 10.83 -17.96
CA ARG A 106 21.64 10.53 -16.55
C ARG A 106 20.92 9.27 -16.08
N ALA A 107 19.76 9.04 -16.67
CA ALA A 107 18.89 7.92 -16.30
C ALA A 107 19.12 6.71 -17.22
N TYR A 108 20.14 6.79 -18.07
CA TYR A 108 20.45 5.73 -19.02
C TYR A 108 21.67 4.92 -18.58
N ASN A 109 21.53 3.59 -18.59
CA ASN A 109 22.62 2.67 -18.26
C ASN A 109 23.13 1.98 -19.53
N ALA A 110 24.28 2.42 -20.01
CA ALA A 110 24.85 1.92 -21.27
C ALA A 110 25.31 0.47 -21.21
N ASP A 111 25.58 -0.02 -20.00
CA ASP A 111 26.08 -1.39 -19.82
C ASP A 111 25.03 -2.45 -20.14
N ASN A 112 23.75 -2.10 -19.95
CA ASN A 112 22.65 -3.00 -20.31
C ASN A 112 21.57 -2.34 -21.16
N ARG A 113 21.84 -1.10 -21.56
CA ARG A 113 20.98 -0.33 -22.48
C ARG A 113 19.56 -0.14 -21.96
N THR A 114 19.47 0.26 -20.68
CA THR A 114 18.19 0.46 -20.02
C THR A 114 18.04 1.91 -19.58
N VAL A 115 16.80 2.31 -19.32
CA VAL A 115 16.50 3.65 -18.82
C VAL A 115 15.62 3.56 -17.57
N PHE A 116 15.80 4.50 -16.65
CA PHE A 116 14.97 4.58 -15.45
C PHE A 116 13.59 5.11 -15.81
N PHE A 117 12.57 4.26 -15.61
CA PHE A 117 11.21 4.55 -15.98
C PHE A 117 10.28 3.94 -14.92
N GLU A 118 9.48 4.79 -14.29
CA GLU A 118 8.48 4.36 -13.30
C GLU A 118 9.05 3.42 -12.22
N GLY A 119 10.22 3.78 -11.70
CA GLY A 119 10.78 3.10 -10.53
C GLY A 119 11.84 2.04 -10.77
N LYS A 120 11.97 1.57 -12.00
CA LYS A 120 12.99 0.57 -12.33
C LYS A 120 13.63 0.86 -13.69
N TYR A 121 14.69 0.11 -14.00
CA TYR A 121 15.35 0.20 -15.30
C TYR A 121 14.77 -0.78 -16.31
N GLY A 122 14.46 -0.27 -17.50
CA GLY A 122 13.95 -1.09 -18.58
C GLY A 122 14.56 -0.74 -19.94
N GLY A 123 14.62 -1.73 -20.82
CA GLY A 123 15.13 -1.53 -22.18
C GLY A 123 14.11 -0.87 -23.08
N MET A 124 14.47 -0.65 -24.34
CA MET A 124 13.58 0.06 -25.27
C MET A 124 12.32 -0.73 -25.62
N GLU A 125 12.38 -2.05 -25.47
CA GLU A 125 11.24 -2.93 -25.70
C GLU A 125 10.08 -2.65 -24.72
N LEU A 126 10.40 -2.00 -23.60
CA LEU A 126 9.41 -1.57 -22.60
C LEU A 126 8.35 -0.65 -23.19
N PHE A 127 8.72 0.07 -24.24
CA PHE A 127 7.88 1.12 -24.81
C PHE A 127 7.14 0.70 -26.07
N ARG A 128 7.11 -0.61 -26.34
CA ARG A 128 6.55 -1.13 -27.60
C ARG A 128 5.09 -0.73 -27.87
N ALA A 129 4.29 -0.61 -26.81
CA ALA A 129 2.86 -0.27 -26.95
C ALA A 129 2.63 1.12 -27.55
N LEU A 130 3.63 1.99 -27.45
CA LEU A 130 3.52 3.33 -28.06
C LEU A 130 3.38 3.26 -29.58
N GLY A 131 3.93 2.20 -30.17
CA GLY A 131 3.89 2.04 -31.63
C GLY A 131 4.69 3.10 -32.37
N CYS A 132 5.84 3.46 -31.81
CA CYS A 132 6.78 4.35 -32.47
C CYS A 132 8.20 3.83 -32.21
N SER A 133 8.43 2.60 -32.65
CA SER A 133 9.67 1.89 -32.38
C SER A 133 10.90 2.61 -32.94
N GLU A 134 10.76 3.23 -34.11
CA GLU A 134 11.87 3.95 -34.73
C GLU A 134 12.28 5.15 -33.88
N LEU A 135 11.30 5.89 -33.37
CA LEU A 135 11.56 7.02 -32.48
C LEU A 135 12.24 6.57 -31.19
N ILE A 136 11.71 5.51 -30.58
CA ILE A 136 12.27 5.01 -29.32
C ILE A 136 13.71 4.54 -29.54
N SER A 137 13.96 3.86 -30.66
CA SER A 137 15.31 3.40 -30.99
CA SER A 137 15.31 3.40 -31.01
C SER A 137 16.26 4.58 -31.17
N SER A 138 15.79 5.62 -31.86
CA SER A 138 16.58 6.82 -32.08
C SER A 138 16.91 7.53 -30.76
N ILE A 139 15.93 7.57 -29.86
CA ILE A 139 16.12 8.18 -28.54
C ILE A 139 17.11 7.37 -27.69
N PHE A 140 17.01 6.05 -27.74
CA PHE A 140 17.97 5.19 -27.05
C PHE A 140 19.37 5.32 -27.64
N ASP A 141 19.47 5.43 -28.97
CA ASP A 141 20.75 5.66 -29.64
C ASP A 141 21.37 6.98 -29.19
N PHE A 142 20.53 8.01 -29.10
CA PHE A 142 20.98 9.31 -28.66
C PHE A 142 21.49 9.27 -27.22
N SER A 143 20.74 8.62 -26.34
CA SER A 143 21.11 8.44 -24.94
C SER A 143 22.44 7.71 -24.82
N HIS A 144 22.58 6.65 -25.60
CA HIS A 144 23.83 5.87 -25.65
C HIS A 144 25.01 6.75 -26.06
N SER A 145 24.81 7.57 -27.09
CA SER A 145 25.86 8.45 -27.59
CA SER A 145 25.88 8.44 -27.59
C SER A 145 26.31 9.46 -26.54
N LEU A 146 25.35 9.98 -25.78
CA LEU A 146 25.67 10.93 -24.72
C LEU A 146 26.34 10.25 -23.53
N SER A 147 25.88 9.05 -23.20
CA SER A 147 26.43 8.30 -22.06
C SER A 147 27.92 8.01 -22.27
N ALA A 148 28.31 7.82 -23.52
CA ALA A 148 29.71 7.56 -23.89
C ALA A 148 30.62 8.74 -23.61
N LEU A 149 30.03 9.94 -23.48
CA LEU A 149 30.79 11.15 -23.21
C LEU A 149 31.14 11.31 -21.74
N HIS A 150 30.47 10.55 -20.88
CA HIS A 150 30.68 10.58 -19.43
C HIS A 150 30.63 11.99 -18.85
N PHE A 151 29.50 12.66 -19.11
CA PHE A 151 29.22 13.99 -18.59
C PHE A 151 29.28 14.02 -17.07
N SER A 152 29.89 15.06 -16.51
CA SER A 152 29.68 15.40 -15.11
C SER A 152 28.38 16.22 -15.03
N GLU A 153 27.86 16.41 -13.82
CA GLU A 153 26.68 17.26 -13.63
C GLU A 153 26.92 18.70 -14.07
N ASP A 154 28.10 19.22 -13.77
CA ASP A 154 28.47 20.57 -14.21
C ASP A 154 28.49 20.70 -15.73
N GLU A 155 28.98 19.66 -16.41
CA GLU A 155 28.97 19.65 -17.87
C GLU A 155 27.54 19.61 -18.41
N ILE A 156 26.68 18.84 -17.77
CA ILE A 156 25.27 18.79 -18.17
C ILE A 156 24.61 20.15 -17.99
N ALA A 157 24.91 20.83 -16.88
CA ALA A 157 24.40 22.17 -16.63
C ALA A 157 24.75 23.13 -17.76
N LEU A 158 26.03 23.16 -18.11
CA LEU A 158 26.54 24.08 -19.10
C LEU A 158 26.06 23.74 -20.51
N TYR A 159 26.04 22.44 -20.82
CA TYR A 159 25.59 22.00 -22.13
C TYR A 159 24.09 22.27 -22.32
N THR A 160 23.28 21.93 -21.32
CA THR A 160 21.83 22.17 -21.43
C THR A 160 21.47 23.65 -21.48
N ALA A 161 22.27 24.50 -20.81
CA ALA A 161 22.09 25.95 -20.94
C ALA A 161 22.25 26.39 -22.40
N LEU A 162 23.23 25.82 -23.09
CA LEU A 162 23.45 26.09 -24.51
C LEU A 162 22.37 25.49 -25.41
N VAL A 163 21.86 24.32 -25.04
CA VAL A 163 20.74 23.71 -25.75
C VAL A 163 19.53 24.65 -25.72
N LEU A 164 19.30 25.28 -24.57
CA LEU A 164 18.18 26.21 -24.41
C LEU A 164 18.43 27.55 -25.08
N ILE A 165 19.62 28.11 -24.89
CA ILE A 165 19.94 29.41 -25.47
C ILE A 165 20.52 29.19 -26.87
N ASN A 166 19.62 28.94 -27.81
CA ASN A 166 19.97 28.62 -29.18
C ASN A 166 19.40 29.70 -30.07
N ALA A 167 20.27 30.55 -30.59
CA ALA A 167 19.86 31.72 -31.36
C ALA A 167 19.33 31.39 -32.77
N HIS A 168 19.39 30.12 -33.15
CA HIS A 168 18.92 29.67 -34.46
C HIS A 168 17.40 29.42 -34.53
N ARG A 169 16.72 29.45 -33.39
CA ARG A 169 15.27 29.22 -33.37
C ARG A 169 14.53 30.28 -34.17
N PRO A 170 13.63 29.85 -35.09
CA PRO A 170 12.84 30.83 -35.84
C PRO A 170 11.90 31.61 -34.93
N GLY A 171 11.69 32.89 -35.27
CA GLY A 171 10.70 33.72 -34.58
C GLY A 171 11.20 34.57 -33.43
N LEU A 172 12.52 34.67 -33.27
CA LEU A 172 13.10 35.51 -32.23
C LEU A 172 12.96 36.99 -32.57
N GLN A 173 12.52 37.79 -31.59
CA GLN A 173 12.35 39.23 -31.78
C GLN A 173 13.66 39.98 -31.57
N GLU A 174 14.54 39.44 -30.72
CA GLU A 174 15.81 40.08 -30.42
C GLU A 174 16.94 39.07 -30.60
N LYS A 175 17.12 38.63 -31.85
CA LYS A 175 18.05 37.57 -32.21
C LYS A 175 19.48 37.85 -31.73
N ARG A 176 19.93 39.08 -31.94
CA ARG A 176 21.30 39.46 -31.57
C ARG A 176 21.55 39.39 -30.07
N LYS A 177 20.52 39.67 -29.27
CA LYS A 177 20.59 39.56 -27.82
C LYS A 177 20.76 38.10 -27.40
N VAL A 178 20.01 37.21 -28.06
CA VAL A 178 20.13 35.77 -27.80
C VAL A 178 21.52 35.28 -28.25
N GLU A 179 21.99 35.79 -29.37
CA GLU A 179 23.34 35.46 -29.87
C GLU A 179 24.44 35.83 -28.87
N GLN A 180 24.30 36.97 -28.22
CA GLN A 180 25.29 37.42 -27.23
C GLN A 180 25.32 36.49 -26.00
N LEU A 181 24.13 36.17 -25.49
CA LEU A 181 24.01 35.26 -24.35
C LEU A 181 24.53 33.87 -24.71
N GLN A 182 24.19 33.40 -25.90
CA GLN A 182 24.66 32.11 -26.39
C GLN A 182 26.19 32.06 -26.43
N TYR A 183 26.80 33.13 -26.93
CA TYR A 183 28.26 33.18 -27.02
C TYR A 183 28.90 33.19 -25.64
N ASN A 184 28.34 33.98 -24.73
CA ASN A 184 28.81 34.01 -23.35
C ASN A 184 28.72 32.65 -22.66
N LEU A 185 27.64 31.92 -22.93
CA LEU A 185 27.49 30.57 -22.41
C LEU A 185 28.46 29.58 -23.07
N GLU A 186 28.77 29.80 -24.35
CA GLU A 186 29.81 29.02 -25.03
C GLU A 186 31.16 29.25 -24.36
N LEU A 187 31.47 30.51 -24.04
CA LEU A 187 32.71 30.85 -23.35
C LEU A 187 32.77 30.19 -21.96
N ALA A 188 31.64 30.20 -21.27
CA ALA A 188 31.53 29.56 -19.95
C ALA A 188 31.81 28.05 -20.05
N PHE A 189 31.13 27.40 -21.00
CA PHE A 189 31.29 25.97 -21.25
C PHE A 189 32.74 25.65 -21.60
N HIS A 190 33.30 26.39 -22.55
CA HIS A 190 34.69 26.15 -23.00
C HIS A 190 35.70 26.37 -21.87
N HIS A 191 35.47 27.40 -21.06
CA HIS A 191 36.34 27.71 -19.93
C HIS A 191 36.34 26.56 -18.92
N HIS A 192 35.15 26.10 -18.55
CA HIS A 192 35.03 25.00 -17.62
C HIS A 192 35.74 23.75 -18.13
N LEU A 193 35.51 23.43 -19.41
CA LEU A 193 36.14 22.28 -20.04
C LEU A 193 37.66 22.39 -20.07
N SER A 194 38.17 23.60 -20.28
CA SER A 194 39.60 23.85 -20.32
C SER A 194 40.29 23.52 -18.99
N LYS A 195 39.60 23.83 -17.89
CA LYS A 195 40.12 23.60 -16.54
C LYS A 195 40.31 22.13 -16.24
N THR A 196 39.45 21.30 -16.82
CA THR A 196 39.41 19.87 -16.54
C THR A 196 40.01 19.04 -17.68
N HIS A 197 40.60 19.71 -18.67
CA HIS A 197 41.13 19.08 -19.88
C HIS A 197 40.07 18.22 -20.60
N ARG A 198 38.90 18.81 -20.78
CA ARG A 198 37.75 18.10 -21.35
C ARG A 198 37.22 18.70 -22.65
N GLN A 199 38.00 19.60 -23.27
CA GLN A 199 37.57 20.20 -24.53
C GLN A 199 37.44 19.20 -25.68
N SER A 200 38.05 18.03 -25.50
CA SER A 200 37.94 16.92 -26.45
C SER A 200 36.49 16.49 -26.75
N ILE A 201 35.59 16.70 -25.78
CA ILE A 201 34.19 16.30 -25.97
C ILE A 201 33.42 17.19 -26.96
N LEU A 202 33.92 18.40 -27.19
CA LEU A 202 33.23 19.35 -28.07
C LEU A 202 32.97 18.81 -29.47
N ALA A 203 33.97 18.13 -30.03
CA ALA A 203 33.85 17.54 -31.36
C ALA A 203 32.94 16.31 -31.38
N LYS A 204 32.70 15.74 -30.20
CA LYS A 204 31.93 14.50 -30.05
C LYS A 204 30.47 14.75 -29.68
N LEU A 205 30.12 16.00 -29.41
CA LEU A 205 28.74 16.36 -29.10
C LEU A 205 27.86 16.15 -30.33
N PRO A 206 26.57 15.84 -30.12
CA PRO A 206 25.68 15.64 -31.26
C PRO A 206 25.54 16.92 -32.09
N PRO A 207 25.42 16.80 -33.43
CA PRO A 207 25.14 18.03 -34.18
C PRO A 207 23.77 18.59 -33.79
N LYS A 208 23.62 19.91 -33.81
CA LYS A 208 22.35 20.57 -33.44
C LYS A 208 21.15 20.03 -34.23
N GLY A 209 21.39 19.68 -35.49
CA GLY A 209 20.37 19.06 -36.33
C GLY A 209 19.82 17.76 -35.76
N LYS A 210 20.63 17.07 -34.94
CA LYS A 210 20.21 15.82 -34.31
C LYS A 210 19.09 16.05 -33.30
N LEU A 211 19.28 17.01 -32.40
CA LEU A 211 18.23 17.31 -31.42
C LEU A 211 16.97 17.81 -32.10
N ARG A 212 17.15 18.62 -33.14
CA ARG A 212 16.03 19.11 -33.95
C ARG A 212 15.31 17.94 -34.64
N SER A 213 16.07 16.98 -35.14
CA SER A 213 15.50 15.79 -35.79
C SER A 213 14.66 14.97 -34.82
N LEU A 214 15.18 14.74 -33.61
CA LEU A 214 14.46 13.97 -32.61
C LEU A 214 13.15 14.65 -32.22
N CYS A 215 13.18 15.98 -32.06
CA CYS A 215 11.97 16.73 -31.71
C CYS A 215 10.94 16.71 -32.83
N SER A 216 11.41 16.82 -34.08
CA SER A 216 10.53 16.72 -35.25
C SER A 216 9.86 15.35 -35.33
N GLN A 217 10.66 14.31 -35.10
CA GLN A 217 10.18 12.92 -35.08
CA GLN A 217 10.18 12.92 -35.08
C GLN A 217 9.11 12.74 -34.01
N HIS A 218 9.37 13.28 -32.81
CA HIS A 218 8.42 13.21 -31.70
C HIS A 218 7.08 13.84 -32.08
N VAL A 219 7.13 15.05 -32.65
CA VAL A 219 5.91 15.72 -33.10
C VAL A 219 5.16 14.89 -34.14
N GLU A 220 5.89 14.28 -35.06
CA GLU A 220 5.26 13.48 -36.10
C GLU A 220 4.59 12.21 -35.55
N ARG A 221 5.24 11.56 -34.59
CA ARG A 221 4.66 10.37 -33.96
C ARG A 221 3.44 10.74 -33.11
N LEU A 222 3.46 11.91 -32.48
CA LEU A 222 2.29 12.40 -31.76
C LEU A 222 1.13 12.69 -32.71
N GLN A 223 1.42 13.18 -33.91
CA GLN A 223 0.37 13.37 -34.93
C GLN A 223 -0.30 12.04 -35.26
N ILE A 224 0.51 11.01 -35.50
CA ILE A 224 0.00 9.67 -35.78
C ILE A 224 -0.89 9.19 -34.64
N PHE A 225 -0.41 9.35 -33.41
CA PHE A 225 -1.19 8.97 -32.23
C PHE A 225 -2.48 9.80 -32.07
N GLN A 226 -2.35 11.12 -32.12
CA GLN A 226 -3.48 12.03 -31.89
C GLN A 226 -4.57 11.86 -32.94
N HIS A 227 -4.18 11.61 -34.19
CA HIS A 227 -5.18 11.37 -35.25
C HIS A 227 -5.96 10.07 -35.01
N LEU A 228 -5.29 9.09 -34.41
CA LEU A 228 -5.89 7.79 -34.09
C LEU A 228 -6.75 7.88 -32.82
N HIS A 229 -6.29 8.67 -31.85
CA HIS A 229 -6.93 8.79 -30.54
C HIS A 229 -7.08 10.26 -30.14
N PRO A 230 -7.93 11.02 -30.84
CA PRO A 230 -7.98 12.47 -30.59
C PRO A 230 -8.60 12.84 -29.23
N ILE A 231 -9.55 12.03 -28.78
CA ILE A 231 -10.29 12.34 -27.56
C ILE A 231 -9.43 12.21 -26.31
N VAL A 232 -8.61 11.15 -26.27
CA VAL A 232 -7.74 10.92 -25.12
C VAL A 232 -6.73 12.07 -24.92
N VAL A 233 -6.21 12.61 -26.03
CA VAL A 233 -5.30 13.75 -25.94
C VAL A 233 -6.02 14.95 -25.34
N GLN A 234 -7.23 15.23 -25.82
CA GLN A 234 -8.03 16.36 -25.33
C GLN A 234 -8.40 16.21 -23.86
N ALA A 235 -8.79 14.99 -23.49
CA ALA A 235 -9.34 14.73 -22.16
C ALA A 235 -8.29 14.51 -21.06
N ALA A 236 -7.19 13.83 -21.40
CA ALA A 236 -6.32 13.28 -20.36
C ALA A 236 -4.88 13.79 -20.35
N PHE A 237 -4.38 14.24 -21.50
CA PHE A 237 -2.99 14.68 -21.63
C PHE A 237 -2.77 16.01 -20.94
N PRO A 238 -1.56 16.24 -20.39
CA PRO A 238 -1.29 17.52 -19.74
C PRO A 238 -1.41 18.67 -20.75
N PRO A 239 -2.10 19.76 -20.36
CA PRO A 239 -2.29 20.86 -21.31
C PRO A 239 -1.00 21.46 -21.84
N LEU A 240 0.04 21.53 -21.00
CA LEU A 240 1.34 22.03 -21.43
C LEU A 240 1.95 21.14 -22.52
N TYR A 241 1.74 19.83 -22.41
CA TYR A 241 2.19 18.87 -23.41
C TYR A 241 1.54 19.18 -24.76
N LYS A 242 0.23 19.39 -24.76
CA LYS A 242 -0.53 19.77 -25.95
C LYS A 242 0.04 21.04 -26.58
N GLU A 243 0.21 22.06 -25.76
CA GLU A 243 0.69 23.37 -26.21
C GLU A 243 2.03 23.26 -26.93
N LEU A 244 2.94 22.49 -26.35
CA LEU A 244 4.30 22.38 -26.88
C LEU A 244 4.39 21.52 -28.13
N PHE A 245 3.55 20.48 -28.23
CA PHE A 245 3.78 19.42 -29.21
C PHE A 245 2.69 19.14 -30.25
N SER A 246 1.44 19.44 -29.94
CA SER A 246 0.34 19.19 -30.86
CA SER A 246 0.33 19.18 -30.85
C SER A 246 0.28 20.22 -31.98
N THR A 247 -0.10 19.77 -33.17
CA THR A 247 -0.26 20.66 -34.32
C THR A 247 -1.73 20.88 -34.65
N THR B 7 -0.74 32.06 -23.13
CA THR B 7 -0.34 30.62 -23.17
C THR B 7 0.09 30.12 -21.80
N LEU B 8 0.27 28.81 -21.67
CA LEU B 8 0.70 28.20 -20.42
C LEU B 8 2.16 28.51 -20.09
N LEU B 9 3.02 28.57 -21.10
CA LEU B 9 4.41 28.99 -20.88
C LEU B 9 4.44 30.41 -20.32
N GLN B 10 3.64 31.29 -20.89
CA GLN B 10 3.47 32.66 -20.38
C GLN B 10 3.12 32.65 -18.90
N LEU B 11 2.12 31.85 -18.53
CA LEU B 11 1.68 31.72 -17.14
C LEU B 11 2.78 31.19 -16.23
N LEU B 12 3.46 30.14 -16.68
CA LEU B 12 4.55 29.52 -15.91
C LEU B 12 5.75 30.46 -15.74
N LEU B 13 5.98 31.31 -16.72
CA LEU B 13 7.08 32.28 -16.67
C LEU B 13 6.69 33.55 -15.91
N GLY B 14 5.40 33.66 -15.59
CA GLY B 14 4.89 34.76 -14.77
C GLY B 14 4.77 36.08 -15.49
N HIS B 15 4.70 36.03 -16.81
CA HIS B 15 4.55 37.26 -17.60
C HIS B 15 3.36 37.21 -18.55
N TYR C 3 26.13 35.33 24.37
CA TYR C 3 27.53 34.89 24.62
C TYR C 3 27.72 34.42 26.06
N ALA C 4 27.02 33.35 26.42
CA ALA C 4 27.09 32.78 27.76
C ALA C 4 28.52 32.39 28.13
N SER C 5 28.95 32.83 29.30
CA SER C 5 30.29 32.50 29.82
C SER C 5 30.38 31.03 30.18
N LEU C 6 31.61 30.54 30.37
CA LEU C 6 31.86 29.18 30.80
C LEU C 6 31.14 28.87 32.12
N THR C 7 31.17 29.84 33.04
CA THR C 7 30.50 29.72 34.34
C THR C 7 28.99 29.54 34.14
N GLU C 8 28.41 30.34 33.25
CA GLU C 8 26.98 30.26 32.96
C GLU C 8 26.59 28.96 32.25
N ILE C 9 27.45 28.49 31.36
CA ILE C 9 27.24 27.21 30.67
C ILE C 9 27.35 26.04 31.64
N GLU C 10 28.34 26.10 32.54
CA GLU C 10 28.48 25.09 33.60
C GLU C 10 27.29 25.12 34.55
N HIS C 11 26.78 26.31 34.84
CA HIS C 11 25.57 26.47 35.64
C HIS C 11 24.34 25.91 34.92
N LEU C 12 24.31 26.05 33.60
CA LEU C 12 23.22 25.52 32.78
C LEU C 12 23.20 23.99 32.79
N VAL C 13 24.37 23.37 32.66
CA VAL C 13 24.50 21.91 32.76
C VAL C 13 23.85 21.42 34.05
N GLN C 14 24.28 21.98 35.17
CA GLN C 14 23.78 21.60 36.49
C GLN C 14 22.27 21.83 36.65
N SER C 15 21.79 22.95 36.12
CA SER C 15 20.37 23.31 36.18
C SER C 15 19.49 22.34 35.38
N VAL C 16 19.91 22.00 34.16
CA VAL C 16 19.18 21.05 33.31
C VAL C 16 19.12 19.66 33.94
N CYS C 17 20.25 19.21 34.46
CA CYS C 17 20.35 17.91 35.13
C CYS C 17 19.46 17.86 36.37
N LYS C 18 19.40 18.96 37.11
CA LYS C 18 18.53 19.06 38.28
C LYS C 18 17.05 18.99 37.90
N SER C 19 16.65 19.80 36.91
CA SER C 19 15.28 19.83 36.41
C SER C 19 14.81 18.43 36.01
N TYR C 20 15.69 17.69 35.34
CA TYR C 20 15.40 16.33 34.92
C TYR C 20 15.26 15.37 36.11
N ARG C 21 16.19 15.45 37.07
CA ARG C 21 16.17 14.59 38.25
C ARG C 21 14.86 14.71 39.01
N GLU C 22 14.33 15.93 39.07
CA GLU C 22 13.10 16.24 39.79
C GLU C 22 11.85 15.75 39.07
N THR C 23 11.97 15.42 37.78
CA THR C 23 10.81 15.14 36.93
C THR C 23 10.96 13.87 36.10
N CYS C 24 11.89 12.99 36.48
CA CYS C 24 12.23 11.83 35.66
C CYS C 24 11.22 10.68 35.74
N GLN C 25 10.16 10.88 36.52
CA GLN C 25 9.05 9.93 36.66
C GLN C 25 9.43 8.70 37.48
N LEU C 26 10.07 7.71 36.86
CA LEU C 26 10.53 6.53 37.59
C LEU C 26 12.03 6.60 37.86
N ARG C 27 12.43 6.02 38.99
CA ARG C 27 13.84 5.88 39.33
C ARG C 27 14.49 4.83 38.44
N LEU C 28 15.67 5.15 37.91
CA LEU C 28 16.40 4.23 37.02
C LEU C 28 16.65 2.88 37.71
N GLU C 29 17.03 2.95 38.98
CA GLU C 29 17.26 1.77 39.82
C GLU C 29 16.05 0.83 39.85
N ASP C 30 14.86 1.43 39.95
CA ASP C 30 13.61 0.67 39.98
C ASP C 30 13.35 -0.04 38.64
N LEU C 31 13.60 0.67 37.54
CA LEU C 31 13.46 0.08 36.21
C LEU C 31 14.44 -1.07 35.99
N LEU C 32 15.66 -0.91 36.49
CA LEU C 32 16.68 -1.94 36.34
C LEU C 32 16.39 -3.19 37.18
N ARG C 33 15.88 -2.96 38.41
CA ARG C 33 15.52 -4.05 39.31
C ARG C 33 14.37 -4.89 38.74
N GLN C 34 13.53 -4.27 37.91
CA GLN C 34 12.35 -4.94 37.34
C GLN C 34 12.64 -5.75 36.07
N ARG C 35 13.88 -5.70 35.58
CA ARG C 35 14.26 -6.37 34.33
C ARG C 35 14.03 -7.88 34.33
N SER C 36 14.09 -8.49 35.52
CA SER C 36 13.86 -9.93 35.67
C SER C 36 12.37 -10.31 35.68
N ASN C 37 11.51 -9.31 35.79
CA ASN C 37 10.07 -9.52 35.77
C ASN C 37 9.51 -9.32 34.36
N ILE C 38 9.20 -10.43 33.70
CA ILE C 38 8.82 -10.45 32.28
C ILE C 38 7.46 -11.11 32.11
N PHE C 39 6.63 -10.53 31.24
CA PHE C 39 5.33 -11.11 30.93
C PHE C 39 5.47 -12.54 30.40
N SER C 40 4.64 -13.43 30.92
CA SER C 40 4.62 -14.82 30.48
C SER C 40 4.01 -14.93 29.09
N ARG C 41 4.20 -16.07 28.44
CA ARG C 41 3.59 -16.35 27.14
C ARG C 41 2.08 -16.14 27.20
N GLU C 42 1.47 -16.60 28.29
CA GLU C 42 0.03 -16.49 28.52
C GLU C 42 -0.40 -15.04 28.68
N GLU C 43 0.43 -14.24 29.36
CA GLU C 43 0.16 -12.81 29.55
C GLU C 43 0.24 -12.03 28.24
N VAL C 44 1.26 -12.33 27.44
CA VAL C 44 1.40 -11.72 26.10
C VAL C 44 0.17 -12.06 25.24
N THR C 45 -0.20 -13.33 25.24
CA THR C 45 -1.41 -13.79 24.54
C THR C 45 -2.64 -12.99 24.99
N GLY C 46 -2.78 -12.81 26.31
CA GLY C 46 -3.84 -11.98 26.87
C GLY C 46 -3.90 -10.59 26.28
N TYR C 47 -2.73 -9.94 26.21
CA TYR C 47 -2.63 -8.61 25.63
C TYR C 47 -2.99 -8.59 24.15
N GLN C 48 -2.57 -9.62 23.42
CA GLN C 48 -2.82 -9.69 21.98
C GLN C 48 -4.28 -9.93 21.66
N ARG C 49 -4.99 -10.54 22.60
CA ARG C 49 -6.43 -10.80 22.46
C ARG C 49 -7.31 -9.62 22.87
N LYS C 50 -6.70 -8.56 23.42
CA LYS C 50 -7.45 -7.37 23.81
C LYS C 50 -7.98 -6.66 22.57
N SER C 51 -9.08 -5.94 22.73
CA SER C 51 -9.62 -5.11 21.65
C SER C 51 -8.68 -3.97 21.31
N MET C 52 -8.81 -3.45 20.10
CA MET C 52 -8.04 -2.29 19.67
C MET C 52 -8.30 -1.09 20.58
N TRP C 53 -9.56 -0.84 20.90
CA TRP C 53 -9.92 0.32 21.72
C TRP C 53 -9.32 0.27 23.12
N GLU C 54 -9.33 -0.91 23.75
CA GLU C 54 -8.81 -1.03 25.12
C GLU C 54 -7.30 -0.84 25.16
N MET C 55 -6.61 -1.39 24.16
CA MET C 55 -5.16 -1.26 24.12
C MET C 55 -4.72 0.19 23.83
N TRP C 56 -5.42 0.85 22.91
CA TRP C 56 -5.19 2.27 22.65
C TRP C 56 -5.45 3.12 23.90
N GLU C 57 -6.55 2.83 24.59
CA GLU C 57 -6.93 3.56 25.80
C GLU C 57 -5.86 3.42 26.88
N ARG C 58 -5.39 2.20 27.10
CA ARG C 58 -4.34 1.94 28.08
C ARG C 58 -3.07 2.72 27.71
N CYS C 59 -2.63 2.58 26.46
CA CYS C 59 -1.43 3.25 26.01
C CYS C 59 -1.53 4.76 26.07
N ALA C 60 -2.68 5.30 25.67
CA ALA C 60 -2.93 6.74 25.74
C ALA C 60 -2.78 7.26 27.17
N HIS C 61 -3.31 6.51 28.14
CA HIS C 61 -3.20 6.87 29.56
CA HIS C 61 -3.19 6.91 29.54
C HIS C 61 -1.73 6.90 30.02
N HIS C 62 -1.00 5.83 29.71
CA HIS C 62 0.40 5.72 30.10
C HIS C 62 1.27 6.80 29.47
N LEU C 63 1.03 7.07 28.18
CA LEU C 63 1.78 8.11 27.48
CA LEU C 63 1.76 8.11 27.46
C LEU C 63 1.48 9.48 28.06
N THR C 64 0.23 9.72 28.43
CA THR C 64 -0.18 11.00 29.02
C THR C 64 0.48 11.21 30.38
N GLU C 65 0.53 10.16 31.19
CA GLU C 65 1.20 10.21 32.48
C GLU C 65 2.66 10.65 32.27
N ALA C 66 3.34 10.01 31.32
CA ALA C 66 4.71 10.38 31.00
C ALA C 66 4.83 11.82 30.49
N ILE C 67 3.87 12.24 29.66
CA ILE C 67 3.83 13.61 29.16
C ILE C 67 3.68 14.62 30.30
N GLN C 68 2.87 14.30 31.30
CA GLN C 68 2.70 15.18 32.46
C GLN C 68 4.02 15.51 33.16
N TYR C 69 4.90 14.51 33.25
CA TYR C 69 6.23 14.72 33.82
C TYR C 69 7.11 15.57 32.91
N VAL C 70 6.94 15.40 31.60
CA VAL C 70 7.68 16.21 30.62
C VAL C 70 7.25 17.68 30.69
N VAL C 71 5.96 17.92 30.90
CA VAL C 71 5.46 19.28 31.07
C VAL C 71 6.11 19.92 32.30
N GLU C 72 6.20 19.18 33.41
CA GLU C 72 6.87 19.69 34.60
C GLU C 72 8.36 19.95 34.36
N PHE C 73 9.01 19.06 33.60
CA PHE C 73 10.40 19.25 33.18
C PHE C 73 10.57 20.59 32.46
N ALA C 74 9.70 20.86 31.49
CA ALA C 74 9.75 22.12 30.74
C ALA C 74 9.58 23.32 31.67
N LYS C 75 8.62 23.22 32.59
CA LYS C 75 8.31 24.29 33.54
C LYS C 75 9.49 24.67 34.43
N ARG C 76 10.39 23.72 34.66
CA ARG C 76 11.54 23.92 35.55
C ARG C 76 12.84 24.14 34.79
N LEU C 77 12.77 23.99 33.47
CA LEU C 77 13.94 24.09 32.60
C LEU C 77 14.35 25.55 32.44
N SER C 78 15.61 25.83 32.75
CA SER C 78 16.19 27.17 32.65
C SER C 78 16.05 27.71 31.23
N GLY C 79 15.34 28.83 31.10
CA GLY C 79 15.15 29.48 29.81
C GLY C 79 13.80 29.26 29.16
N PHE C 80 13.14 28.15 29.47
CA PHE C 80 11.85 27.81 28.87
C PHE C 80 10.75 28.77 29.30
N MET C 81 10.78 29.19 30.57
CA MET C 81 9.77 30.10 31.11
C MET C 81 9.95 31.54 30.63
N GLU C 82 11.14 31.85 30.11
CA GLU C 82 11.44 33.16 29.53
C GLU C 82 11.03 33.25 28.06
N LEU C 83 10.66 32.12 27.47
CA LEU C 83 10.09 32.10 26.12
C LEU C 83 8.64 32.56 26.21
N CYS C 84 8.12 33.12 25.11
CA CYS C 84 6.74 33.63 25.12
C CYS C 84 5.74 32.50 25.21
N GLN C 85 4.52 32.82 25.64
CA GLN C 85 3.47 31.83 25.85
C GLN C 85 3.23 30.94 24.63
N ASN C 86 3.09 31.56 23.46
CA ASN C 86 2.86 30.82 22.22
C ASN C 86 3.96 29.81 21.93
N ASP C 87 5.20 30.19 22.16
CA ASP C 87 6.34 29.33 21.84
C ASP C 87 6.47 28.17 22.82
N GLN C 88 6.15 28.41 24.08
CA GLN C 88 6.05 27.34 25.07
C GLN C 88 5.08 26.26 24.60
N ILE C 89 3.92 26.69 24.09
CA ILE C 89 2.91 25.78 23.56
C ILE C 89 3.39 25.06 22.31
N VAL C 90 3.98 25.79 21.36
CA VAL C 90 4.46 25.20 20.12
C VAL C 90 5.50 24.11 20.40
N LEU C 91 6.42 24.41 21.32
CA LEU C 91 7.51 23.48 21.63
C LEU C 91 7.02 22.23 22.36
N LEU C 92 6.10 22.39 23.31
CA LEU C 92 5.57 21.24 24.03
C LEU C 92 4.62 20.39 23.18
N LYS C 93 3.78 21.04 22.38
CA LYS C 93 2.86 20.31 21.50
C LYS C 93 3.64 19.41 20.53
N ALA C 94 4.73 19.94 19.98
CA ALA C 94 5.58 19.19 19.05
C ALA C 94 6.54 18.22 19.75
N GLY C 95 7.06 18.63 20.91
CA GLY C 95 8.17 17.94 21.55
C GLY C 95 7.87 16.99 22.70
N ALA C 96 6.69 17.11 23.30
CA ALA C 96 6.34 16.31 24.48
C ALA C 96 6.52 14.82 24.22
N MET C 97 5.92 14.33 23.14
CA MET C 97 5.99 12.92 22.77
CA MET C 97 5.99 12.91 22.78
C MET C 97 7.42 12.50 22.38
N GLU C 98 8.14 13.42 21.73
CA GLU C 98 9.52 13.17 21.35
C GLU C 98 10.39 12.92 22.59
N VAL C 99 10.20 13.75 23.62
CA VAL C 99 10.94 13.57 24.87
C VAL C 99 10.57 12.24 25.56
N VAL C 100 9.28 11.92 25.59
CA VAL C 100 8.84 10.63 26.15
C VAL C 100 9.53 9.47 25.42
N LEU C 101 9.55 9.51 24.09
CA LEU C 101 10.21 8.47 23.28
C LEU C 101 11.67 8.26 23.69
N VAL C 102 12.39 9.36 23.87
CA VAL C 102 13.78 9.32 24.32
C VAL C 102 13.90 8.78 25.75
N ARG C 103 13.10 9.34 26.67
CA ARG C 103 13.12 8.89 28.07
C ARG C 103 12.85 7.39 28.19
N MET C 104 11.99 6.87 27.33
CA MET C 104 11.58 5.47 27.41
C MET C 104 12.73 4.48 27.21
N CYS C 105 13.82 4.91 26.58
CA CYS C 105 14.96 4.00 26.41
C CYS C 105 15.54 3.51 27.76
N ARG C 106 15.28 4.27 28.83
CA ARG C 106 15.62 3.85 30.20
C ARG C 106 14.90 2.57 30.59
N ALA C 107 13.68 2.41 30.07
CA ALA C 107 12.83 1.27 30.38
C ALA C 107 12.93 0.17 29.32
N TYR C 108 13.93 0.28 28.44
CA TYR C 108 14.14 -0.70 27.38
C TYR C 108 15.34 -1.58 27.72
N ASN C 109 15.14 -2.90 27.65
CA ASN C 109 16.21 -3.87 27.87
C ASN C 109 16.65 -4.48 26.54
N ALA C 110 17.83 -4.07 26.08
CA ALA C 110 18.36 -4.48 24.78
C ALA C 110 18.72 -5.96 24.72
N ASP C 111 18.97 -6.56 25.89
CA ASP C 111 19.35 -7.98 25.98
C ASP C 111 18.23 -8.92 25.52
N ASN C 112 16.99 -8.57 25.82
CA ASN C 112 15.84 -9.40 25.44
C ASN C 112 14.78 -8.67 24.61
N ARG C 113 15.09 -7.43 24.24
CA ARG C 113 14.23 -6.60 23.36
C ARG C 113 12.88 -6.26 24.00
N THR C 114 12.88 -6.03 25.30
CA THR C 114 11.64 -5.75 26.03
C THR C 114 11.57 -4.32 26.56
N VAL C 115 10.35 -3.87 26.83
CA VAL C 115 10.12 -2.57 27.45
C VAL C 115 9.23 -2.73 28.69
N PHE C 116 9.47 -1.90 29.70
CA PHE C 116 8.68 -1.91 30.93
C PHE C 116 7.30 -1.31 30.64
N PHE C 117 6.27 -2.14 30.80
CA PHE C 117 4.90 -1.78 30.46
C PHE C 117 3.95 -2.42 31.45
N GLU C 118 3.13 -1.60 32.11
CA GLU C 118 2.12 -2.09 33.06
C GLU C 118 2.70 -3.12 34.04
N GLY C 119 3.87 -2.80 34.60
CA GLY C 119 4.41 -3.54 35.73
C GLY C 119 5.44 -4.62 35.42
N LYS C 120 5.57 -4.99 34.14
CA LYS C 120 6.53 -6.01 33.73
C LYS C 120 7.20 -5.64 32.41
N TYR C 121 8.21 -6.41 32.01
CA TYR C 121 8.86 -6.23 30.72
C TYR C 121 8.23 -7.13 29.65
N GLY C 122 7.93 -6.53 28.50
CA GLY C 122 7.36 -7.27 27.36
C GLY C 122 7.92 -6.79 26.04
N GLY C 123 7.89 -7.66 25.04
CA GLY C 123 8.36 -7.33 23.69
C GLY C 123 7.32 -6.62 22.84
N MET C 124 7.71 -6.25 21.63
CA MET C 124 6.83 -5.48 20.74
C MET C 124 5.52 -6.19 20.38
N GLU C 125 5.54 -7.53 20.38
CA GLU C 125 4.36 -8.31 20.00
C GLU C 125 3.19 -8.13 20.96
N LEU C 126 3.50 -7.69 22.18
CA LEU C 126 2.49 -7.39 23.19
C LEU C 126 1.53 -6.28 22.72
N PHE C 127 2.00 -5.46 21.79
CA PHE C 127 1.27 -4.27 21.32
C PHE C 127 0.46 -4.50 20.05
N ARG C 128 0.37 -5.75 19.60
CA ARG C 128 -0.25 -6.05 18.31
C ARG C 128 -1.68 -5.55 18.13
N ALA C 129 -2.47 -5.56 19.22
CA ALA C 129 -3.88 -5.17 19.14
C ALA C 129 -4.09 -3.70 18.75
N LEU C 130 -3.04 -2.88 18.86
CA LEU C 130 -3.08 -1.48 18.44
C LEU C 130 -3.32 -1.32 16.93
N GLY C 131 -2.87 -2.31 16.16
CA GLY C 131 -3.08 -2.29 14.71
C GLY C 131 -2.12 -1.39 13.95
N CYS C 132 -0.96 -1.11 14.55
CA CYS C 132 0.10 -0.35 13.89
C CYS C 132 1.46 -0.99 14.16
N SER C 133 1.56 -2.29 13.86
CA SER C 133 2.76 -3.07 14.15
C SER C 133 4.03 -2.53 13.50
N GLU C 134 3.88 -1.92 12.33
CA GLU C 134 4.99 -1.28 11.63
C GLU C 134 5.58 -0.13 12.45
N LEU C 135 4.69 0.72 12.97
CA LEU C 135 5.10 1.82 13.83
C LEU C 135 5.72 1.31 15.13
N ILE C 136 5.12 0.29 15.74
CA ILE C 136 5.63 -0.29 16.99
C ILE C 136 7.04 -0.85 16.77
N SER C 137 7.23 -1.56 15.66
CA SER C 137 8.54 -2.09 15.31
C SER C 137 9.58 -0.97 15.15
N SER C 138 9.18 0.11 14.47
CA SER C 138 10.04 1.28 14.27
C SER C 138 10.41 1.93 15.61
N ILE C 139 9.44 2.01 16.52
CA ILE C 139 9.67 2.53 17.86
C ILE C 139 10.65 1.65 18.65
N PHE C 140 10.52 0.34 18.53
CA PHE C 140 11.45 -0.60 19.19
C PHE C 140 12.86 -0.54 18.57
N ASP C 141 12.93 -0.39 17.24
CA ASP C 141 14.21 -0.18 16.55
C ASP C 141 14.90 1.09 17.06
N PHE C 142 14.10 2.16 17.19
CA PHE C 142 14.58 3.43 17.71
C PHE C 142 15.09 3.31 19.14
N SER C 143 14.30 2.63 19.98
CA SER C 143 14.66 2.40 21.37
C SER C 143 15.96 1.60 21.48
N HIS C 144 16.11 0.61 20.61
CA HIS C 144 17.33 -0.18 20.57
C HIS C 144 18.54 0.69 20.20
N SER C 145 18.35 1.58 19.23
CA SER C 145 19.43 2.47 18.78
C SER C 145 19.90 3.42 19.88
N LEU C 146 18.96 3.88 20.72
CA LEU C 146 19.30 4.73 21.86
C LEU C 146 19.98 3.96 23.00
N SER C 147 19.50 2.75 23.27
CA SER C 147 20.06 1.93 24.34
CA SER C 147 20.05 1.90 24.33
C SER C 147 21.52 1.57 24.09
N ALA C 148 21.88 1.44 22.81
CA ALA C 148 23.25 1.13 22.40
C ALA C 148 24.25 2.23 22.77
N LEU C 149 23.75 3.45 22.97
CA LEU C 149 24.59 4.58 23.31
C LEU C 149 24.93 4.61 24.80
N HIS C 150 24.15 3.89 25.60
CA HIS C 150 24.32 3.80 27.06
C HIS C 150 24.30 5.17 27.74
N PHE C 151 23.25 5.94 27.47
CA PHE C 151 23.06 7.26 28.08
C PHE C 151 23.16 7.18 29.60
N SER C 152 23.88 8.13 30.17
CA SER C 152 23.79 8.39 31.61
C SER C 152 22.54 9.24 31.83
N GLU C 153 22.11 9.35 33.08
CA GLU C 153 20.94 10.17 33.40
C GLU C 153 21.15 11.64 33.06
N ASP C 154 22.37 12.13 33.27
CA ASP C 154 22.74 13.50 32.91
C ASP C 154 22.67 13.74 31.40
N GLU C 155 23.11 12.74 30.62
CA GLU C 155 23.06 12.82 29.17
C GLU C 155 21.62 12.85 28.67
N ILE C 156 20.76 12.02 29.29
CA ILE C 156 19.32 12.06 28.97
C ILE C 156 18.74 13.44 29.27
N ALA C 157 19.11 14.00 30.43
CA ALA C 157 18.69 15.35 30.81
C ALA C 157 19.02 16.38 29.74
N LEU C 158 20.28 16.37 29.30
CA LEU C 158 20.79 17.36 28.37
C LEU C 158 20.27 17.13 26.95
N TYR C 159 20.22 15.88 26.52
CA TYR C 159 19.69 15.54 25.20
C TYR C 159 18.20 15.86 25.09
N THR C 160 17.42 15.51 26.12
CA THR C 160 15.98 15.78 26.08
C THR C 160 15.67 17.28 26.14
N ALA C 161 16.52 18.05 26.83
CA ALA C 161 16.39 19.49 26.82
C ALA C 161 16.48 20.02 25.39
N LEU C 162 17.38 19.44 24.60
CA LEU C 162 17.56 19.82 23.20
C LEU C 162 16.44 19.33 22.29
N VAL C 163 15.89 18.15 22.60
CA VAL C 163 14.73 17.61 21.90
C VAL C 163 13.56 18.59 22.04
N LEU C 164 13.36 19.09 23.26
CA LEU C 164 12.31 20.07 23.55
C LEU C 164 12.62 21.44 22.97
N ILE C 165 13.82 21.95 23.20
CA ILE C 165 14.18 23.29 22.70
C ILE C 165 14.72 23.18 21.28
N ASN C 166 13.78 23.00 20.35
CA ASN C 166 14.07 22.81 18.95
C ASN C 166 13.56 24.01 18.17
N ALA C 167 14.48 24.86 17.72
CA ALA C 167 14.14 26.11 17.03
C ALA C 167 13.58 25.92 15.62
N HIS C 168 13.58 24.68 15.15
CA HIS C 168 13.06 24.35 13.83
C HIS C 168 11.53 24.15 13.78
N ARG C 169 10.88 24.09 14.95
CA ARG C 169 9.44 23.89 14.99
C ARG C 169 8.71 25.03 14.27
N PRO C 170 7.81 24.68 13.34
CA PRO C 170 6.96 25.66 12.68
C PRO C 170 6.03 26.35 13.68
N GLY C 171 5.83 27.66 13.50
CA GLY C 171 4.88 28.39 14.33
C GLY C 171 5.47 29.20 15.47
N LEU C 172 6.80 29.21 15.59
CA LEU C 172 7.46 30.02 16.61
C LEU C 172 7.32 31.51 16.29
N GLN C 173 6.97 32.28 17.31
CA GLN C 173 6.81 33.73 17.19
C GLN C 173 8.08 34.50 17.55
N GLU C 174 8.94 33.86 18.35
CA GLU C 174 10.23 34.42 18.71
C GLU C 174 11.33 33.40 18.39
N LYS C 175 11.42 33.03 17.11
CA LYS C 175 12.35 32.00 16.64
C LYS C 175 13.79 32.24 17.09
N ARG C 176 14.25 33.49 16.99
CA ARG C 176 15.64 33.84 17.33
C ARG C 176 15.93 33.67 18.82
N LYS C 177 14.92 33.85 19.66
CA LYS C 177 15.04 33.62 21.10
C LYS C 177 15.16 32.14 21.44
N VAL C 178 14.38 31.31 20.73
CA VAL C 178 14.49 29.86 20.85
C VAL C 178 15.85 29.39 20.33
N GLU C 179 16.31 30.00 19.24
CA GLU C 179 17.64 29.68 18.68
C GLU C 179 18.77 29.96 19.66
N GLN C 180 18.68 31.07 20.39
CA GLN C 180 19.69 31.40 21.40
C GLN C 180 19.71 30.38 22.53
N LEU C 181 18.53 30.00 23.02
CA LEU C 181 18.44 29.02 24.09
C LEU C 181 18.93 27.64 23.63
N GLN C 182 18.55 27.28 22.40
CA GLN C 182 18.98 26.02 21.80
C GLN C 182 20.50 25.94 21.72
N TYR C 183 21.12 27.03 21.31
CA TYR C 183 22.58 27.05 21.18
C TYR C 183 23.26 26.92 22.53
N ASN C 184 22.74 27.62 23.54
CA ASN C 184 23.29 27.53 24.89
C ASN C 184 23.16 26.13 25.46
N LEU C 185 22.04 25.46 25.17
CA LEU C 185 21.86 24.06 25.55
C LEU C 185 22.79 23.12 24.78
N GLU C 186 23.07 23.45 23.51
CA GLU C 186 24.05 22.68 22.73
C GLU C 186 25.44 22.82 23.35
N LEU C 187 25.80 24.04 23.75
CA LEU C 187 27.07 24.29 24.42
C LEU C 187 27.16 23.54 25.74
N ALA C 188 26.07 23.52 26.50
CA ALA C 188 26.00 22.78 27.77
C ALA C 188 26.20 21.28 27.55
N PHE C 189 25.49 20.73 26.57
CA PHE C 189 25.58 19.32 26.18
C PHE C 189 27.00 18.96 25.75
N HIS C 190 27.56 19.74 24.83
CA HIS C 190 28.90 19.48 24.31
C HIS C 190 29.98 19.61 25.39
N HIS C 191 29.82 20.60 26.27
CA HIS C 191 30.75 20.81 27.38
C HIS C 191 30.76 19.59 28.30
N HIS C 192 29.57 19.12 28.67
CA HIS C 192 29.43 17.94 29.52
C HIS C 192 30.01 16.69 28.87
N LEU C 193 29.78 16.54 27.57
CA LEU C 193 30.30 15.40 26.81
C LEU C 193 31.82 15.42 26.71
N SER C 194 32.39 16.61 26.54
CA SER C 194 33.84 16.76 26.46
C SER C 194 34.54 16.37 27.77
N LYS C 195 33.96 16.78 28.90
CA LYS C 195 34.47 16.43 30.22
C LYS C 195 34.51 14.92 30.45
N THR C 196 33.49 14.23 29.92
CA THR C 196 33.30 12.81 30.13
C THR C 196 33.85 11.96 28.98
N HIS C 197 34.53 12.61 28.03
CA HIS C 197 35.08 11.97 26.83
C HIS C 197 33.98 11.21 26.05
N ARG C 198 32.84 11.86 25.87
CA ARG C 198 31.67 11.23 25.28
C ARG C 198 31.13 11.91 24.01
N GLN C 199 31.92 12.83 23.44
CA GLN C 199 31.52 13.54 22.23
C GLN C 199 31.35 12.62 21.01
N SER C 200 31.85 11.39 21.13
CA SER C 200 31.71 10.38 20.10
C SER C 200 30.25 9.98 19.83
N ILE C 201 29.39 10.20 20.82
CA ILE C 201 27.98 9.83 20.71
C ILE C 201 27.18 10.74 19.77
N LEU C 202 27.68 11.95 19.54
CA LEU C 202 26.99 12.95 18.73
C LEU C 202 26.65 12.47 17.33
N ALA C 203 27.62 11.85 16.66
CA ALA C 203 27.44 11.32 15.32
C ALA C 203 26.57 10.07 15.29
N LYS C 204 26.39 9.46 16.47
CA LYS C 204 25.58 8.26 16.63
C LYS C 204 24.15 8.56 17.09
N LEU C 205 23.87 9.85 17.33
CA LEU C 205 22.52 10.27 17.74
C LEU C 205 21.54 10.12 16.58
N PRO C 206 20.25 9.90 16.90
CA PRO C 206 19.22 9.77 15.87
C PRO C 206 19.31 10.87 14.83
N PRO C 207 19.18 10.50 13.53
CA PRO C 207 19.22 11.48 12.44
C PRO C 207 18.10 12.50 12.58
N LYS C 208 18.31 13.67 11.98
CA LYS C 208 17.28 14.71 11.96
C LYS C 208 16.02 14.21 11.28
N GLY C 209 14.87 14.48 11.92
CA GLY C 209 13.58 14.11 11.37
C GLY C 209 13.06 12.76 11.85
N LYS C 210 13.93 11.95 12.46
CA LYS C 210 13.57 10.61 12.91
C LYS C 210 12.51 10.62 14.03
N LEU C 211 12.79 11.38 15.09
CA LEU C 211 11.82 11.53 16.19
C LEU C 211 10.52 12.12 15.68
N ARG C 212 10.62 13.16 14.85
CA ARG C 212 9.46 13.81 14.26
C ARG C 212 8.63 12.84 13.42
N SER C 213 9.32 11.96 12.69
CA SER C 213 8.67 10.96 11.84
C SER C 213 7.84 9.98 12.67
N LEU C 214 8.40 9.50 13.77
CA LEU C 214 7.69 8.59 14.66
C LEU C 214 6.44 9.25 15.23
N CYS C 215 6.58 10.51 15.65
CA CYS C 215 5.47 11.27 16.21
C CYS C 215 4.38 11.61 15.19
N SER C 216 4.78 11.92 13.95
CA SER C 216 3.83 12.18 12.88
CA SER C 216 3.83 12.19 12.89
C SER C 216 3.00 10.95 12.56
N GLN C 217 3.65 9.78 12.60
CA GLN C 217 2.98 8.50 12.36
C GLN C 217 1.98 8.18 13.45
N HIS C 218 2.34 8.49 14.70
CA HIS C 218 1.43 8.32 15.82
C HIS C 218 0.16 9.14 15.60
N VAL C 219 0.31 10.40 15.19
CA VAL C 219 -0.84 11.27 14.94
C VAL C 219 -1.74 10.67 13.83
N GLU C 220 -1.11 10.18 12.77
CA GLU C 220 -1.85 9.57 11.65
C GLU C 220 -2.57 8.28 12.06
N ARG C 221 -1.90 7.42 12.83
CA ARG C 221 -2.52 6.22 13.38
C ARG C 221 -3.72 6.56 14.26
N LEU C 222 -3.62 7.63 15.04
CA LEU C 222 -4.73 8.10 15.87
C LEU C 222 -5.92 8.54 15.02
N GLN C 223 -5.66 9.21 13.91
CA GLN C 223 -6.70 9.61 12.96
C GLN C 223 -7.50 8.40 12.47
N ILE C 224 -6.76 7.35 12.10
CA ILE C 224 -7.35 6.09 11.63
C ILE C 224 -8.14 5.44 12.76
N PHE C 225 -7.55 5.38 13.96
CA PHE C 225 -8.23 4.86 15.13
C PHE C 225 -9.55 5.60 15.41
N GLN C 226 -9.50 6.93 15.35
CA GLN C 226 -10.66 7.79 15.63
C GLN C 226 -11.80 7.59 14.62
N HIS C 227 -11.45 7.24 13.37
CA HIS C 227 -12.46 6.86 12.37
C HIS C 227 -13.17 5.56 12.73
N LEU C 228 -12.41 4.61 13.26
CA LEU C 228 -12.96 3.30 13.64
C LEU C 228 -13.75 3.37 14.94
N HIS C 229 -13.26 4.17 15.88
CA HIS C 229 -13.85 4.27 17.20
C HIS C 229 -14.07 5.74 17.58
N PRO C 230 -15.11 6.38 17.00
CA PRO C 230 -15.33 7.83 17.06
C PRO C 230 -15.83 8.39 18.40
N ILE C 231 -16.13 7.52 19.37
CA ILE C 231 -16.67 7.95 20.65
C ILE C 231 -15.69 7.76 21.82
N VAL C 232 -14.91 6.69 21.76
CA VAL C 232 -14.04 6.30 22.88
CA VAL C 232 -14.03 6.31 22.88
C VAL C 232 -13.02 7.38 23.29
N VAL C 233 -12.49 8.14 22.32
CA VAL C 233 -11.51 9.19 22.64
C VAL C 233 -12.15 10.32 23.45
N GLN C 234 -13.31 10.78 22.99
CA GLN C 234 -14.13 11.76 23.70
C GLN C 234 -14.48 11.27 25.10
N ALA C 235 -14.78 9.99 25.20
CA ALA C 235 -15.37 9.41 26.41
C ALA C 235 -14.37 8.95 27.46
N ALA C 236 -13.27 8.34 27.03
CA ALA C 236 -12.38 7.65 27.97
C ALA C 236 -10.89 8.00 27.90
N PHE C 237 -10.46 8.65 26.83
CA PHE C 237 -9.04 9.02 26.67
C PHE C 237 -8.70 10.25 27.52
N PRO C 238 -7.42 10.40 27.93
CA PRO C 238 -7.08 11.61 28.66
C PRO C 238 -7.29 12.84 27.78
N PRO C 239 -7.97 13.87 28.31
CA PRO C 239 -8.19 15.09 27.53
C PRO C 239 -6.92 15.73 26.97
N LEU C 240 -5.82 15.71 27.74
CA LEU C 240 -4.54 16.26 27.26
C LEU C 240 -4.05 15.52 26.02
N TYR C 241 -4.24 14.20 26.01
CA TYR C 241 -3.85 13.37 24.87
C TYR C 241 -4.64 13.77 23.62
N LYS C 242 -5.96 13.92 23.78
CA LYS C 242 -6.82 14.38 22.69
C LYS C 242 -6.37 15.76 22.19
N GLU C 243 -6.13 16.68 23.12
CA GLU C 243 -5.71 18.03 22.77
C GLU C 243 -4.39 18.05 21.98
N LEU C 244 -3.44 17.23 22.41
CA LEU C 244 -2.12 17.24 21.80
C LEU C 244 -2.08 16.53 20.45
N PHE C 245 -2.86 15.46 20.30
CA PHE C 245 -2.66 14.54 19.16
C PHE C 245 -3.86 14.31 18.24
N SER C 246 -5.07 14.66 18.70
CA SER C 246 -6.26 14.46 17.89
C SER C 246 -6.41 15.53 16.81
N THR C 247 -6.89 15.11 15.65
CA THR C 247 -7.07 15.99 14.51
C THR C 247 -8.56 16.27 14.31
N VAL D 6 -9.67 28.55 27.31
CA VAL D 6 -8.34 28.12 27.81
C VAL D 6 -8.07 26.64 27.47
N THR D 7 -6.90 26.36 26.91
CA THR D 7 -6.51 24.98 26.59
C THR D 7 -5.87 24.31 27.81
N LEU D 8 -5.75 23.00 27.76
CA LEU D 8 -5.16 22.23 28.86
C LEU D 8 -3.68 22.51 29.03
N LEU D 9 -2.97 22.65 27.91
CA LEU D 9 -1.56 23.05 27.96
C LEU D 9 -1.39 24.41 28.62
N GLN D 10 -2.26 25.36 28.26
CA GLN D 10 -2.27 26.68 28.89
C GLN D 10 -2.50 26.59 30.40
N LEU D 11 -3.43 25.74 30.82
CA LEU D 11 -3.71 25.53 32.24
C LEU D 11 -2.52 24.92 32.97
N LEU D 12 -1.91 23.90 32.36
CA LEU D 12 -0.76 23.22 32.95
C LEU D 12 0.44 24.16 33.06
N LEU D 13 0.55 25.08 32.11
CA LEU D 13 1.66 26.03 32.09
C LEU D 13 1.37 27.33 32.83
N GLY D 14 0.13 27.49 33.29
CA GLY D 14 -0.28 28.67 34.06
C GLY D 14 -0.42 29.94 33.23
N HIS D 15 -0.77 29.77 31.95
CA HIS D 15 -0.92 30.89 31.03
C HIS D 15 -2.20 31.68 31.26
N LYS D 16 -2.15 32.97 30.95
CA LYS D 16 -3.32 33.83 31.01
C LYS D 16 -3.80 34.16 29.59
N TYR E 3 -41.08 -5.38 -16.81
CA TYR E 3 -40.96 -6.43 -15.74
C TYR E 3 -39.97 -7.51 -16.17
N ALA E 4 -38.71 -7.34 -15.79
CA ALA E 4 -37.66 -8.27 -16.19
C ALA E 4 -37.90 -9.67 -15.62
N SER E 5 -37.83 -10.67 -16.50
CA SER E 5 -37.97 -12.06 -16.09
C SER E 5 -36.70 -12.51 -15.38
N LEU E 6 -36.76 -13.66 -14.70
CA LEU E 6 -35.58 -14.23 -14.06
C LEU E 6 -34.47 -14.48 -15.09
N THR E 7 -34.86 -14.96 -16.27
CA THR E 7 -33.92 -15.17 -17.38
C THR E 7 -33.21 -13.87 -17.76
N GLU E 8 -33.97 -12.80 -17.88
CA GLU E 8 -33.43 -11.48 -18.22
C GLU E 8 -32.51 -10.92 -17.13
N ILE E 9 -32.87 -11.18 -15.87
CA ILE E 9 -32.03 -10.79 -14.74
C ILE E 9 -30.70 -11.57 -14.71
N GLU E 10 -30.78 -12.89 -14.95
CA GLU E 10 -29.58 -13.72 -15.02
C GLU E 10 -28.66 -13.29 -16.16
N HIS E 11 -29.25 -12.92 -17.30
CA HIS E 11 -28.48 -12.39 -18.43
C HIS E 11 -27.81 -11.05 -18.08
N LEU E 12 -28.52 -10.22 -17.31
CA LEU E 12 -27.99 -8.93 -16.87
C LEU E 12 -26.81 -9.11 -15.91
N VAL E 13 -26.88 -10.11 -15.04
CA VAL E 13 -25.75 -10.46 -14.17
C VAL E 13 -24.51 -10.72 -15.03
N GLN E 14 -24.67 -11.59 -16.04
CA GLN E 14 -23.58 -11.97 -16.92
C GLN E 14 -23.04 -10.77 -17.72
N SER E 15 -23.95 -9.94 -18.21
CA SER E 15 -23.60 -8.74 -18.98
C SER E 15 -22.76 -7.74 -18.18
N VAL E 16 -23.23 -7.42 -16.96
CA VAL E 16 -22.54 -6.48 -16.07
C VAL E 16 -21.14 -6.99 -15.69
N CYS E 17 -21.05 -8.28 -15.36
CA CYS E 17 -19.78 -8.90 -14.99
C CYS E 17 -18.77 -8.90 -16.15
N LYS E 18 -19.29 -9.09 -17.37
CA LYS E 18 -18.48 -9.03 -18.58
C LYS E 18 -17.97 -7.60 -18.81
N SER E 19 -18.88 -6.63 -18.72
CA SER E 19 -18.52 -5.21 -18.89
C SER E 19 -17.42 -4.80 -17.92
N TYR E 20 -17.54 -5.25 -16.67
CA TYR E 20 -16.53 -4.97 -15.66
C TYR E 20 -15.19 -5.64 -15.98
N ARG E 21 -15.20 -6.94 -16.26
CA ARG E 21 -13.97 -7.67 -16.55
C ARG E 21 -13.21 -7.06 -17.72
N GLU E 22 -13.95 -6.51 -18.68
CA GLU E 22 -13.35 -5.87 -19.86
C GLU E 22 -12.75 -4.50 -19.57
N THR E 23 -13.07 -3.92 -18.42
CA THR E 23 -12.67 -2.55 -18.10
C THR E 23 -12.08 -2.38 -16.70
N CYS E 24 -11.67 -3.49 -16.08
CA CYS E 24 -11.24 -3.49 -14.68
C CYS E 24 -9.88 -2.84 -14.43
N GLN E 25 -9.22 -2.43 -15.52
CA GLN E 25 -7.93 -1.72 -15.50
C GLN E 25 -6.74 -2.64 -15.19
N LEU E 26 -6.53 -2.98 -13.93
CA LEU E 26 -5.50 -3.96 -13.57
C LEU E 26 -6.14 -5.29 -13.19
N ARG E 27 -5.45 -6.38 -13.48
CA ARG E 27 -5.92 -7.71 -13.11
C ARG E 27 -5.65 -7.95 -11.62
N LEU E 28 -6.62 -8.54 -10.94
CA LEU E 28 -6.54 -8.76 -9.49
C LEU E 28 -5.29 -9.55 -9.10
N GLU E 29 -4.94 -10.55 -9.92
CA GLU E 29 -3.78 -11.40 -9.67
C GLU E 29 -2.49 -10.61 -9.60
N ASP E 30 -2.33 -9.65 -10.50
CA ASP E 30 -1.16 -8.78 -10.54
C ASP E 30 -1.05 -7.91 -9.29
N LEU E 31 -2.19 -7.37 -8.85
CA LEU E 31 -2.25 -6.58 -7.61
C LEU E 31 -1.89 -7.41 -6.37
N LEU E 32 -2.40 -8.64 -6.30
CA LEU E 32 -2.15 -9.52 -5.16
C LEU E 32 -0.69 -9.96 -5.09
N ARG E 33 -0.09 -10.25 -6.25
CA ARG E 33 1.31 -10.65 -6.33
C ARG E 33 2.28 -9.53 -5.91
N GLN E 34 1.85 -8.29 -6.09
CA GLN E 34 2.68 -7.13 -5.80
C GLN E 34 2.68 -6.74 -4.32
N ARG E 35 1.83 -7.39 -3.53
CA ARG E 35 1.66 -7.08 -2.10
C ARG E 35 2.94 -7.12 -1.27
N SER E 36 3.87 -7.98 -1.69
CA SER E 36 5.16 -8.13 -0.99
C SER E 36 6.13 -6.98 -1.31
N ASN E 37 5.85 -6.25 -2.40
CA ASN E 37 6.66 -5.12 -2.81
CA ASN E 37 6.66 -5.12 -2.80
C ASN E 37 6.20 -3.83 -2.12
N ILE E 38 6.92 -3.45 -1.07
CA ILE E 38 6.55 -2.30 -0.24
C ILE E 38 7.61 -1.20 -0.31
N PHE E 39 7.16 0.06 -0.38
CA PHE E 39 8.06 1.20 -0.36
C PHE E 39 8.91 1.21 0.90
N SER E 40 10.21 1.43 0.74
CA SER E 40 11.14 1.52 1.86
C SER E 40 10.95 2.84 2.61
N ARG E 41 11.49 2.88 3.83
CA ARG E 41 11.47 4.07 4.67
C ARG E 41 11.96 5.32 3.92
N GLU E 42 13.07 5.18 3.21
CA GLU E 42 13.66 6.31 2.48
C GLU E 42 12.85 6.71 1.24
N GLU E 43 12.21 5.74 0.60
CA GLU E 43 11.30 6.00 -0.52
C GLU E 43 10.06 6.77 -0.06
N VAL E 44 9.51 6.37 1.09
CA VAL E 44 8.37 7.07 1.70
C VAL E 44 8.75 8.51 2.04
N THR E 45 9.94 8.69 2.63
CA THR E 45 10.47 10.02 2.93
C THR E 45 10.58 10.87 1.65
N GLY E 46 11.05 10.25 0.56
CA GLY E 46 11.12 10.90 -0.74
C GLY E 46 9.79 11.45 -1.20
N TYR E 47 8.73 10.64 -1.06
CA TYR E 47 7.38 11.09 -1.36
C TYR E 47 6.91 12.21 -0.44
N GLN E 48 7.29 12.12 0.84
CA GLN E 48 6.90 13.14 1.83
C GLN E 48 7.62 14.46 1.58
N ARG E 49 8.79 14.39 0.96
CA ARG E 49 9.60 15.58 0.64
C ARG E 49 9.23 16.21 -0.71
N LYS E 50 8.46 15.49 -1.51
CA LYS E 50 7.97 16.02 -2.79
C LYS E 50 7.14 17.27 -2.56
N SER E 51 7.19 18.19 -3.52
CA SER E 51 6.37 19.39 -3.48
C SER E 51 4.89 19.01 -3.49
N MET E 52 4.06 19.84 -2.88
CA MET E 52 2.62 19.62 -2.88
C MET E 52 2.07 19.51 -4.29
N TRP E 53 2.55 20.38 -5.18
CA TRP E 53 2.07 20.40 -6.57
C TRP E 53 2.38 19.11 -7.33
N GLU E 54 3.58 18.56 -7.13
CA GLU E 54 4.00 17.35 -7.87
C GLU E 54 3.22 16.13 -7.39
N MET E 55 2.97 16.07 -6.08
CA MET E 55 2.19 14.97 -5.53
C MET E 55 0.73 15.02 -5.96
N TRP E 56 0.14 16.22 -5.95
CA TRP E 56 -1.21 16.43 -6.47
C TRP E 56 -1.30 16.11 -7.95
N GLU E 57 -0.31 16.56 -8.72
CA GLU E 57 -0.23 16.30 -10.16
C GLU E 57 -0.18 14.80 -10.46
N ARG E 58 0.66 14.08 -9.72
CA ARG E 58 0.75 12.62 -9.87
C ARG E 58 -0.57 11.94 -9.53
N CYS E 59 -1.14 12.30 -8.39
CA CYS E 59 -2.41 11.70 -7.98
C CYS E 59 -3.57 12.02 -8.93
N ALA E 60 -3.61 13.25 -9.45
CA ALA E 60 -4.63 13.64 -10.41
C ALA E 60 -4.54 12.81 -11.69
N HIS E 61 -3.30 12.56 -12.12
CA HIS E 61 -3.04 11.71 -13.28
C HIS E 61 -3.54 10.29 -13.04
N HIS E 62 -3.17 9.69 -11.92
CA HIS E 62 -3.57 8.31 -11.62
C HIS E 62 -5.07 8.16 -11.44
N LEU E 63 -5.69 9.15 -10.79
CA LEU E 63 -7.14 9.18 -10.63
CA LEU E 63 -7.14 9.14 -10.63
C LEU E 63 -7.85 9.26 -11.98
N THR E 64 -7.32 10.10 -12.86
CA THR E 64 -7.91 10.28 -14.20
C THR E 64 -7.84 9.00 -15.03
N GLU E 65 -6.69 8.33 -15.01
CA GLU E 65 -6.54 7.05 -15.68
C GLU E 65 -7.62 6.07 -15.19
N ALA E 66 -7.81 6.00 -13.87
CA ALA E 66 -8.83 5.14 -13.27
C ALA E 66 -10.24 5.53 -13.69
N ILE E 67 -10.50 6.84 -13.79
CA ILE E 67 -11.79 7.35 -14.22
C ILE E 67 -12.08 7.00 -15.68
N GLN E 68 -11.06 7.08 -16.53
CA GLN E 68 -11.19 6.70 -17.93
C GLN E 68 -11.68 5.27 -18.13
N TYR E 69 -11.19 4.35 -17.28
CA TYR E 69 -11.66 2.96 -17.30
C TYR E 69 -13.11 2.85 -16.85
N VAL E 70 -13.51 3.71 -15.91
CA VAL E 70 -14.89 3.74 -15.43
C VAL E 70 -15.84 4.28 -16.51
N VAL E 71 -15.40 5.27 -17.27
CA VAL E 71 -16.18 5.76 -18.41
C VAL E 71 -16.40 4.64 -19.42
N GLU E 72 -15.35 3.88 -19.71
CA GLU E 72 -15.45 2.72 -20.62
C GLU E 72 -16.39 1.65 -20.06
N PHE E 73 -16.35 1.45 -18.75
CA PHE E 73 -17.30 0.57 -18.06
C PHE E 73 -18.75 1.01 -18.31
N ALA E 74 -19.01 2.31 -18.11
CA ALA E 74 -20.34 2.88 -18.35
C ALA E 74 -20.80 2.66 -19.79
N LYS E 75 -19.92 2.92 -20.74
CA LYS E 75 -20.22 2.78 -22.16
C LYS E 75 -20.63 1.36 -22.55
N ARG E 76 -20.09 0.37 -21.84
CA ARG E 76 -20.36 -1.04 -22.12
C ARG E 76 -21.45 -1.61 -21.20
N LEU E 77 -21.90 -0.78 -20.25
CA LEU E 77 -22.89 -1.21 -19.27
C LEU E 77 -24.28 -1.25 -19.88
N SER E 78 -24.96 -2.38 -19.70
CA SER E 78 -26.28 -2.62 -20.26
C SER E 78 -27.27 -1.56 -19.78
N GLY E 79 -27.80 -0.80 -20.74
CA GLY E 79 -28.81 0.21 -20.46
C GLY E 79 -28.32 1.64 -20.35
N PHE E 80 -27.03 1.82 -20.07
CA PHE E 80 -26.46 3.16 -19.86
C PHE E 80 -26.48 4.03 -21.12
N MET E 81 -26.09 3.45 -22.26
CA MET E 81 -26.03 4.21 -23.51
C MET E 81 -27.42 4.50 -24.09
N GLU E 82 -28.43 3.81 -23.55
CA GLU E 82 -29.82 4.05 -23.92
C GLU E 82 -30.41 5.28 -23.21
N LEU E 83 -29.71 5.75 -22.18
CA LEU E 83 -30.11 6.97 -21.47
C LEU E 83 -29.78 8.20 -22.30
N CYS E 84 -30.45 9.32 -22.01
CA CYS E 84 -30.18 10.57 -22.71
C CYS E 84 -28.81 11.12 -22.31
N GLN E 85 -28.26 11.99 -23.17
CA GLN E 85 -26.93 12.56 -22.97
C GLN E 85 -26.76 13.26 -21.62
N ASN E 86 -27.74 14.07 -21.23
CA ASN E 86 -27.72 14.78 -19.95
C ASN E 86 -27.54 13.82 -18.77
N ASP E 87 -28.32 12.74 -18.78
CA ASP E 87 -28.31 11.77 -17.69
C ASP E 87 -27.04 10.95 -17.66
N GLN E 88 -26.50 10.64 -18.83
CA GLN E 88 -25.21 9.97 -18.95
C GLN E 88 -24.13 10.82 -18.27
N ILE E 89 -24.18 12.13 -18.51
CA ILE E 89 -23.26 13.09 -17.92
C ILE E 89 -23.48 13.23 -16.41
N VAL E 90 -24.74 13.39 -15.99
CA VAL E 90 -25.06 13.56 -14.57
C VAL E 90 -24.57 12.36 -13.76
N LEU E 91 -24.83 11.15 -14.26
CA LEU E 91 -24.43 9.92 -13.56
C LEU E 91 -22.91 9.75 -13.48
N LEU E 92 -22.21 10.00 -14.59
CA LEU E 92 -20.75 9.89 -14.59
C LEU E 92 -20.07 10.98 -13.76
N LYS E 93 -20.56 12.21 -13.88
CA LYS E 93 -19.98 13.32 -13.12
C LYS E 93 -20.04 13.05 -11.61
N ALA E 94 -21.14 12.47 -11.15
CA ALA E 94 -21.33 12.22 -9.73
C ALA E 94 -20.76 10.87 -9.30
N GLY E 95 -20.78 9.89 -10.20
CA GLY E 95 -20.46 8.50 -9.84
C GLY E 95 -19.09 7.97 -10.18
N ALA E 96 -18.41 8.60 -11.13
CA ALA E 96 -17.10 8.09 -11.60
C ALA E 96 -16.11 7.92 -10.45
N MET E 97 -15.96 8.95 -9.63
CA MET E 97 -15.05 8.92 -8.48
C MET E 97 -15.49 7.91 -7.43
N GLU E 98 -16.80 7.78 -7.25
CA GLU E 98 -17.35 6.78 -6.33
C GLU E 98 -16.94 5.36 -6.75
N VAL E 99 -17.02 5.09 -8.06
CA VAL E 99 -16.67 3.77 -8.59
C VAL E 99 -15.18 3.51 -8.41
N VAL E 100 -14.36 4.53 -8.70
CA VAL E 100 -12.91 4.42 -8.50
C VAL E 100 -12.58 4.05 -7.04
N LEU E 101 -13.21 4.74 -6.09
CA LEU E 101 -12.98 4.47 -4.66
C LEU E 101 -13.31 3.02 -4.29
N VAL E 102 -14.40 2.50 -4.84
CA VAL E 102 -14.77 1.09 -4.61
C VAL E 102 -13.76 0.17 -5.29
N ARG E 103 -13.50 0.38 -6.57
CA ARG E 103 -12.52 -0.42 -7.33
C ARG E 103 -11.16 -0.49 -6.62
N MET E 104 -10.75 0.62 -6.03
CA MET E 104 -9.44 0.73 -5.39
C MET E 104 -9.19 -0.24 -4.23
N CYS E 105 -10.25 -0.78 -3.64
CA CYS E 105 -10.12 -1.74 -2.53
C CYS E 105 -9.39 -3.02 -2.96
N ARG E 106 -9.43 -3.30 -4.26
CA ARG E 106 -8.68 -4.42 -4.86
C ARG E 106 -7.17 -4.23 -4.67
N ALA E 107 -6.74 -2.98 -4.66
CA ALA E 107 -5.34 -2.62 -4.54
C ALA E 107 -4.98 -2.25 -3.11
N TYR E 108 -5.88 -2.52 -2.17
CA TYR E 108 -5.66 -2.24 -0.76
C TYR E 108 -5.36 -3.52 0.02
N ASN E 109 -4.24 -3.52 0.74
CA ASN E 109 -3.85 -4.63 1.62
C ASN E 109 -4.19 -4.30 3.08
N ALA E 110 -5.24 -4.93 3.59
CA ALA E 110 -5.73 -4.67 4.96
C ALA E 110 -4.76 -5.13 6.05
N ASP E 111 -3.88 -6.07 5.70
CA ASP E 111 -2.90 -6.64 6.65
C ASP E 111 -1.93 -5.60 7.20
N ASN E 112 -1.48 -4.69 6.33
CA ASN E 112 -0.52 -3.65 6.71
C ASN E 112 -1.00 -2.24 6.36
N ARG E 113 -2.26 -2.14 5.93
CA ARG E 113 -2.92 -0.87 5.58
C ARG E 113 -2.15 -0.09 4.49
N THR E 114 -1.75 -0.80 3.44
CA THR E 114 -1.07 -0.18 2.30
C THR E 114 -1.94 -0.23 1.05
N VAL E 115 -1.61 0.63 0.09
CA VAL E 115 -2.28 0.66 -1.21
C VAL E 115 -1.24 0.66 -2.34
N PHE E 116 -1.59 0.02 -3.45
CA PHE E 116 -0.73 -0.01 -4.63
C PHE E 116 -0.70 1.35 -5.32
N PHE E 117 0.50 1.94 -5.38
CA PHE E 117 0.68 3.30 -5.89
C PHE E 117 2.04 3.40 -6.54
N GLU E 118 2.06 3.74 -7.83
CA GLU E 118 3.31 3.92 -8.57
C GLU E 118 4.30 2.76 -8.39
N GLY E 119 3.78 1.53 -8.50
CA GLY E 119 4.61 0.34 -8.57
C GLY E 119 4.87 -0.45 -7.30
N LYS E 120 4.57 0.14 -6.15
CA LYS E 120 4.75 -0.54 -4.86
C LYS E 120 3.58 -0.25 -3.92
N TYR E 121 3.57 -0.90 -2.77
CA TYR E 121 2.56 -0.64 -1.74
C TYR E 121 3.09 0.34 -0.69
N GLY E 122 2.26 1.31 -0.32
CA GLY E 122 2.60 2.29 0.70
C GLY E 122 1.39 2.65 1.55
N GLY E 123 1.65 3.05 2.79
CA GLY E 123 0.59 3.42 3.72
C GLY E 123 0.13 4.86 3.53
N MET E 124 -0.78 5.32 4.39
CA MET E 124 -1.30 6.69 4.27
C MET E 124 -0.20 7.76 4.37
N GLU E 125 0.87 7.44 5.07
CA GLU E 125 2.01 8.37 5.25
C GLU E 125 2.69 8.75 3.93
N LEU E 126 2.48 7.96 2.88
CA LEU E 126 3.05 8.24 1.56
C LEU E 126 2.47 9.52 0.96
N PHE E 127 1.28 9.89 1.41
CA PHE E 127 0.51 10.96 0.80
C PHE E 127 0.54 12.28 1.58
N ARG E 128 1.45 12.36 2.55
CA ARG E 128 1.52 13.52 3.45
C ARG E 128 1.69 14.86 2.74
N ALA E 129 2.46 14.88 1.65
CA ALA E 129 2.74 16.11 0.89
C ALA E 129 1.50 16.76 0.26
N LEU E 130 0.40 16.01 0.17
CA LEU E 130 -0.86 16.54 -0.37
C LEU E 130 -1.46 17.61 0.53
N GLY E 131 -1.22 17.48 1.83
CA GLY E 131 -1.77 18.41 2.82
C GLY E 131 -3.26 18.28 3.04
N CYS E 132 -3.75 17.04 2.99
CA CYS E 132 -5.16 16.76 3.21
C CYS E 132 -5.34 15.48 4.04
N SER E 133 -4.82 15.51 5.26
CA SER E 133 -4.82 14.34 6.15
C SER E 133 -6.22 13.77 6.43
N GLU E 134 -7.20 14.65 6.58
CA GLU E 134 -8.57 14.22 6.88
C GLU E 134 -9.16 13.41 5.72
N LEU E 135 -8.95 13.89 4.50
CA LEU E 135 -9.40 13.18 3.31
C LEU E 135 -8.67 11.84 3.17
N ILE E 136 -7.34 11.86 3.31
CA ILE E 136 -6.53 10.65 3.17
C ILE E 136 -6.92 9.59 4.21
N SER E 137 -7.04 9.99 5.47
CA SER E 137 -7.44 9.05 6.52
C SER E 137 -8.87 8.51 6.29
N SER E 138 -9.77 9.37 5.83
CA SER E 138 -11.13 8.96 5.47
C SER E 138 -11.12 7.91 4.34
N ILE E 139 -10.26 8.15 3.34
CA ILE E 139 -10.11 7.22 2.21
C ILE E 139 -9.53 5.87 2.66
N PHE E 140 -8.53 5.91 3.53
CA PHE E 140 -7.94 4.69 4.06
C PHE E 140 -8.89 3.92 4.99
N ASP E 141 -9.67 4.65 5.80
CA ASP E 141 -10.68 4.04 6.65
C ASP E 141 -11.76 3.35 5.81
N PHE E 142 -12.23 4.05 4.78
CA PHE E 142 -13.21 3.48 3.85
C PHE E 142 -12.70 2.23 3.16
N SER E 143 -11.46 2.28 2.66
CA SER E 143 -10.86 1.15 1.96
C SER E 143 -10.76 -0.07 2.87
N HIS E 144 -10.41 0.17 4.13
CA HIS E 144 -10.32 -0.90 5.12
C HIS E 144 -11.67 -1.54 5.39
N SER E 145 -12.71 -0.72 5.49
CA SER E 145 -14.07 -1.21 5.72
CA SER E 145 -14.08 -1.20 5.71
C SER E 145 -14.57 -2.06 4.55
N LEU E 146 -14.26 -1.63 3.32
CA LEU E 146 -14.63 -2.38 2.12
C LEU E 146 -13.88 -3.70 1.99
N SER E 147 -12.59 -3.68 2.32
CA SER E 147 -11.72 -4.86 2.24
CA SER E 147 -11.76 -4.87 2.21
C SER E 147 -12.20 -5.99 3.15
N ALA E 148 -12.85 -5.61 4.24
CA ALA E 148 -13.36 -6.57 5.23
C ALA E 148 -14.49 -7.43 4.68
N LEU E 149 -15.17 -6.94 3.64
CA LEU E 149 -16.28 -7.66 2.99
C LEU E 149 -15.78 -8.76 2.06
N HIS E 150 -14.50 -8.71 1.70
CA HIS E 150 -13.90 -9.66 0.76
C HIS E 150 -14.72 -9.79 -0.54
N PHE E 151 -14.89 -8.66 -1.22
CA PHE E 151 -15.59 -8.61 -2.50
C PHE E 151 -14.94 -9.55 -3.51
N SER E 152 -15.76 -10.37 -4.15
CA SER E 152 -15.34 -11.06 -5.36
C SER E 152 -15.37 -10.04 -6.50
N GLU E 153 -14.73 -10.38 -7.62
CA GLU E 153 -14.73 -9.52 -8.79
C GLU E 153 -16.13 -9.29 -9.34
N ASP E 154 -16.95 -10.35 -9.32
CA ASP E 154 -18.34 -10.25 -9.77
C ASP E 154 -19.16 -9.34 -8.86
N GLU E 155 -18.88 -9.37 -7.56
CA GLU E 155 -19.55 -8.50 -6.60
C GLU E 155 -19.18 -7.03 -6.83
N ILE E 156 -17.90 -6.78 -7.15
CA ILE E 156 -17.45 -5.43 -7.49
C ILE E 156 -18.15 -4.94 -8.77
N ALA E 157 -18.22 -5.81 -9.77
CA ALA E 157 -18.93 -5.53 -11.03
C ALA E 157 -20.35 -5.04 -10.77
N LEU E 158 -21.11 -5.84 -10.02
CA LEU E 158 -22.52 -5.56 -9.76
C LEU E 158 -22.73 -4.38 -8.83
N TYR E 159 -21.92 -4.28 -7.78
CA TYR E 159 -22.01 -3.17 -6.84
C TYR E 159 -21.66 -1.84 -7.50
N THR E 160 -20.57 -1.80 -8.27
CA THR E 160 -20.17 -0.56 -8.95
C THR E 160 -21.18 -0.12 -10.01
N ALA E 161 -21.85 -1.07 -10.67
CA ALA E 161 -22.93 -0.75 -11.60
C ALA E 161 -24.02 0.06 -10.87
N LEU E 162 -24.34 -0.37 -9.65
CA LEU E 162 -25.32 0.30 -8.80
C LEU E 162 -24.83 1.64 -8.24
N VAL E 163 -23.53 1.74 -7.98
CA VAL E 163 -22.93 3.01 -7.57
C VAL E 163 -23.12 4.05 -8.69
N LEU E 164 -22.94 3.61 -9.93
CA LEU E 164 -23.10 4.48 -11.10
C LEU E 164 -24.57 4.76 -11.40
N ILE E 165 -25.39 3.72 -11.49
CA ILE E 165 -26.80 3.89 -11.87
C ILE E 165 -27.63 4.22 -10.64
N ASN E 166 -27.58 5.49 -10.27
CA ASN E 166 -28.23 6.01 -9.08
C ASN E 166 -29.32 7.00 -9.46
N ALA E 167 -30.56 6.59 -9.30
CA ALA E 167 -31.72 7.40 -9.71
C ALA E 167 -31.92 8.65 -8.86
N HIS E 168 -31.19 8.75 -7.75
CA HIS E 168 -31.32 9.87 -6.83
C HIS E 168 -30.37 11.05 -7.10
N ARG E 169 -29.52 10.93 -8.12
CA ARG E 169 -28.63 12.03 -8.50
C ARG E 169 -29.45 13.24 -8.94
N PRO E 170 -29.22 14.41 -8.32
CA PRO E 170 -29.94 15.62 -8.74
C PRO E 170 -29.61 16.00 -10.18
N GLY E 171 -30.62 16.47 -10.91
CA GLY E 171 -30.42 16.94 -12.27
C GLY E 171 -30.73 15.94 -13.37
N LEU E 172 -31.25 14.77 -12.99
CA LEU E 172 -31.66 13.79 -13.98
C LEU E 172 -32.92 14.24 -14.71
N GLN E 173 -32.94 14.03 -16.01
CA GLN E 173 -34.08 14.40 -16.84
CA GLN E 173 -34.07 14.40 -16.87
C GLN E 173 -35.07 13.24 -16.99
N GLU E 174 -34.55 12.03 -17.14
CA GLU E 174 -35.38 10.84 -17.26
C GLU E 174 -35.21 9.98 -16.02
N LYS E 175 -35.68 10.48 -14.87
CA LYS E 175 -35.50 9.78 -13.60
C LYS E 175 -36.09 8.38 -13.61
N ARG E 176 -37.29 8.24 -14.18
CA ARG E 176 -37.98 6.94 -14.19
C ARG E 176 -37.25 5.89 -15.04
N LYS E 177 -36.63 6.32 -16.14
CA LYS E 177 -35.81 5.43 -16.94
C LYS E 177 -34.60 4.94 -16.14
N VAL E 178 -33.98 5.84 -15.39
CA VAL E 178 -32.85 5.49 -14.53
C VAL E 178 -33.30 4.58 -13.38
N GLU E 179 -34.49 4.85 -12.85
CA GLU E 179 -35.10 4.04 -11.79
C GLU E 179 -35.27 2.58 -12.20
N GLN E 180 -35.76 2.36 -13.42
CA GLN E 180 -35.95 1.01 -13.95
C GLN E 180 -34.63 0.26 -14.10
N LEU E 181 -33.62 0.93 -14.67
CA LEU E 181 -32.31 0.33 -14.83
C LEU E 181 -31.67 0.02 -13.48
N GLN E 182 -31.77 0.96 -12.55
CA GLN E 182 -31.28 0.76 -11.18
C GLN E 182 -31.95 -0.45 -10.54
N TYR E 183 -33.27 -0.53 -10.65
CA TYR E 183 -34.01 -1.65 -10.05
C TYR E 183 -33.59 -3.00 -10.63
N ASN E 184 -33.46 -3.07 -11.95
CA ASN E 184 -33.01 -4.31 -12.59
C ASN E 184 -31.60 -4.69 -12.15
N LEU E 185 -30.74 -3.70 -11.99
CA LEU E 185 -29.39 -3.94 -11.45
C LEU E 185 -29.42 -4.39 -10.00
N GLU E 186 -30.36 -3.87 -9.21
CA GLU E 186 -30.55 -4.32 -7.83
C GLU E 186 -31.02 -5.78 -7.81
N LEU E 187 -31.95 -6.12 -8.70
CA LEU E 187 -32.40 -7.50 -8.85
C LEU E 187 -31.25 -8.43 -9.26
N ALA E 188 -30.41 -7.97 -10.18
CA ALA E 188 -29.23 -8.71 -10.62
C ALA E 188 -28.28 -8.97 -9.46
N PHE E 189 -27.98 -7.92 -8.71
CA PHE E 189 -27.07 -7.98 -7.56
C PHE E 189 -27.59 -8.94 -6.51
N HIS E 190 -28.86 -8.78 -6.15
CA HIS E 190 -29.48 -9.61 -5.09
C HIS E 190 -29.59 -11.08 -5.51
N HIS E 191 -29.90 -11.32 -6.77
CA HIS E 191 -29.95 -12.67 -7.32
C HIS E 191 -28.59 -13.34 -7.24
N HIS E 192 -27.54 -12.62 -7.64
CA HIS E 192 -26.18 -13.15 -7.60
C HIS E 192 -25.74 -13.50 -6.18
N LEU E 193 -26.01 -12.59 -5.24
CA LEU E 193 -25.65 -12.80 -3.84
C LEU E 193 -26.37 -14.00 -3.24
N SER E 194 -27.67 -14.13 -3.53
CA SER E 194 -28.48 -15.24 -3.05
CA SER E 194 -28.48 -15.24 -3.03
C SER E 194 -27.93 -16.59 -3.49
N LYS E 195 -27.57 -16.68 -4.76
CA LYS E 195 -27.02 -17.91 -5.34
C LYS E 195 -25.72 -18.34 -4.67
N THR E 196 -24.94 -17.36 -4.23
CA THR E 196 -23.64 -17.61 -3.62
C THR E 196 -23.66 -17.46 -2.09
N HIS E 197 -24.87 -17.44 -1.53
CA HIS E 197 -25.11 -17.23 -0.09
C HIS E 197 -24.36 -16.02 0.47
N ARG E 198 -24.48 -14.89 -0.21
CA ARG E 198 -23.73 -13.69 0.15
C ARG E 198 -24.60 -12.45 0.39
N GLN E 199 -25.90 -12.65 0.62
CA GLN E 199 -26.80 -11.52 0.90
C GLN E 199 -26.51 -10.82 2.24
N SER E 200 -25.72 -11.47 3.08
CA SER E 200 -25.34 -10.91 4.39
C SER E 200 -24.51 -9.62 4.25
N ILE E 201 -23.82 -9.46 3.13
CA ILE E 201 -22.97 -8.28 2.90
C ILE E 201 -23.77 -6.99 2.68
N LEU E 202 -25.05 -7.11 2.34
CA LEU E 202 -25.90 -5.96 2.04
C LEU E 202 -26.06 -5.00 3.23
N ALA E 203 -26.22 -5.55 4.43
CA ALA E 203 -26.31 -4.74 5.65
C ALA E 203 -24.95 -4.17 6.06
N LYS E 204 -23.89 -4.67 5.44
CA LYS E 204 -22.52 -4.25 5.74
C LYS E 204 -21.94 -3.28 4.70
N LEU E 205 -22.67 -3.07 3.61
CA LEU E 205 -22.26 -2.15 2.55
C LEU E 205 -22.22 -0.70 3.04
N PRO E 206 -21.34 0.14 2.43
CA PRO E 206 -21.21 1.55 2.81
C PRO E 206 -22.57 2.24 2.98
N PRO E 207 -22.74 2.98 4.09
CA PRO E 207 -24.00 3.68 4.37
C PRO E 207 -24.35 4.71 3.30
N LYS E 208 -25.61 5.14 3.28
CA LYS E 208 -26.06 6.17 2.35
C LYS E 208 -25.40 7.51 2.71
N GLY E 209 -24.65 8.06 1.76
CA GLY E 209 -23.95 9.32 1.97
C GLY E 209 -22.45 9.19 2.21
N LYS E 210 -21.98 7.97 2.45
CA LYS E 210 -20.57 7.72 2.73
C LYS E 210 -19.67 8.01 1.53
N LEU E 211 -19.99 7.41 0.39
CA LEU E 211 -19.25 7.65 -0.86
C LEU E 211 -19.39 9.10 -1.33
N ARG E 212 -20.56 9.68 -1.09
CA ARG E 212 -20.81 11.10 -1.38
C ARG E 212 -19.89 12.01 -0.58
N SER E 213 -19.74 11.70 0.72
CA SER E 213 -18.90 12.50 1.62
C SER E 213 -17.44 12.51 1.18
N LEU E 214 -16.93 11.35 0.78
CA LEU E 214 -15.56 11.23 0.31
C LEU E 214 -15.32 12.06 -0.96
N CYS E 215 -16.27 11.97 -1.88
CA CYS E 215 -16.20 12.74 -3.14
C CYS E 215 -16.33 14.24 -2.90
N SER E 216 -17.20 14.61 -1.97
CA SER E 216 -17.36 16.02 -1.58
C SER E 216 -16.07 16.55 -0.97
N GLN E 217 -15.46 15.77 -0.08
CA GLN E 217 -14.18 16.12 0.53
C GLN E 217 -13.09 16.31 -0.52
N HIS E 218 -13.05 15.41 -1.51
CA HIS E 218 -12.07 15.52 -2.60
C HIS E 218 -12.25 16.81 -3.39
N VAL E 219 -13.49 17.14 -3.74
CA VAL E 219 -13.79 18.39 -4.45
C VAL E 219 -13.38 19.60 -3.60
N GLU E 220 -13.71 19.55 -2.31
CA GLU E 220 -13.35 20.61 -1.37
C GLU E 220 -11.83 20.82 -1.24
N ARG E 221 -11.09 19.73 -1.15
CA ARG E 221 -9.63 19.79 -1.02
C ARG E 221 -8.93 20.23 -2.31
N LEU E 222 -9.51 19.86 -3.46
CA LEU E 222 -9.00 20.34 -4.75
C LEU E 222 -9.20 21.86 -4.88
N GLN E 223 -10.34 22.36 -4.40
CA GLN E 223 -10.60 23.80 -4.41
C GLN E 223 -9.52 24.54 -3.65
N ILE E 224 -9.12 23.98 -2.50
CA ILE E 224 -8.06 24.54 -1.65
C ILE E 224 -6.72 24.54 -2.38
N PHE E 225 -6.39 23.42 -3.03
CA PHE E 225 -5.16 23.32 -3.79
C PHE E 225 -5.17 24.26 -5.01
N GLN E 226 -6.25 24.25 -5.78
CA GLN E 226 -6.38 25.08 -6.98
C GLN E 226 -6.30 26.57 -6.67
N HIS E 227 -6.83 26.97 -5.52
CA HIS E 227 -6.73 28.34 -5.03
C HIS E 227 -5.27 28.73 -4.77
N LEU E 228 -4.50 27.80 -4.23
CA LEU E 228 -3.11 28.03 -3.86
C LEU E 228 -2.17 27.87 -5.06
N HIS E 229 -2.52 26.97 -5.96
CA HIS E 229 -1.68 26.65 -7.12
C HIS E 229 -2.48 26.64 -8.42
N PRO E 230 -3.02 27.81 -8.83
CA PRO E 230 -3.91 27.84 -10.00
C PRO E 230 -3.21 27.54 -11.32
N ILE E 231 -1.95 27.96 -11.45
CA ILE E 231 -1.20 27.79 -12.69
C ILE E 231 -0.94 26.31 -12.97
N VAL E 232 -0.50 25.58 -11.95
CA VAL E 232 -0.14 24.17 -12.14
C VAL E 232 -1.36 23.32 -12.52
N VAL E 233 -2.54 23.68 -12.00
CA VAL E 233 -3.78 23.01 -12.40
C VAL E 233 -4.07 23.26 -13.88
N GLN E 234 -3.98 24.53 -14.30
CA GLN E 234 -4.18 24.92 -15.70
C GLN E 234 -3.19 24.23 -16.64
N ALA E 235 -1.93 24.13 -16.20
CA ALA E 235 -0.82 23.70 -17.06
C ALA E 235 -0.60 22.20 -17.12
N ALA E 236 -0.83 21.51 -16.00
CA ALA E 236 -0.35 20.12 -15.87
C ALA E 236 -1.41 19.07 -15.56
N PHE E 237 -2.53 19.48 -14.96
CA PHE E 237 -3.61 18.57 -14.60
C PHE E 237 -4.40 18.11 -15.82
N PRO E 238 -4.90 16.85 -15.81
CA PRO E 238 -5.71 16.40 -16.96
C PRO E 238 -6.98 17.22 -17.05
N PRO E 239 -7.35 17.65 -18.28
CA PRO E 239 -8.58 18.43 -18.48
C PRO E 239 -9.84 17.74 -17.98
N LEU E 240 -9.93 16.41 -18.10
CA LEU E 240 -11.10 15.68 -17.59
C LEU E 240 -11.20 15.79 -16.07
N TYR E 241 -10.05 15.75 -15.40
CA TYR E 241 -9.98 15.92 -13.95
C TYR E 241 -10.53 17.29 -13.54
N LYS E 242 -10.13 18.32 -14.28
CA LYS E 242 -10.66 19.68 -14.10
C LYS E 242 -12.17 19.73 -14.28
N GLU E 243 -12.64 19.16 -15.38
CA GLU E 243 -14.07 19.18 -15.72
C GLU E 243 -14.90 18.55 -14.60
N LEU E 244 -14.48 17.39 -14.13
CA LEU E 244 -15.24 16.63 -13.14
C LEU E 244 -15.22 17.22 -11.74
N PHE E 245 -14.10 17.82 -11.35
CA PHE E 245 -13.88 18.16 -9.94
C PHE E 245 -13.64 19.63 -9.61
N SER E 246 -13.21 20.41 -10.59
CA SER E 246 -12.89 21.83 -10.34
C SER E 246 -14.15 22.66 -10.14
N THR E 247 -14.09 23.52 -9.12
CA THR E 247 -15.15 24.48 -8.83
C THR E 247 -14.85 25.80 -9.56
N GLU E 248 -13.58 26.15 -9.63
CA GLU E 248 -13.12 27.36 -10.32
C GLU E 248 -13.12 27.13 -11.82
N VAL F 6 -19.54 21.62 -25.68
CA VAL F 6 -19.11 20.20 -25.89
C VAL F 6 -18.07 19.81 -24.85
N THR F 7 -18.53 19.19 -23.76
CA THR F 7 -17.66 18.78 -22.67
C THR F 7 -16.87 17.52 -23.02
N LEU F 8 -15.87 17.21 -22.20
CA LEU F 8 -15.00 16.06 -22.44
C LEU F 8 -15.71 14.72 -22.19
N LEU F 9 -16.59 14.70 -21.19
CA LEU F 9 -17.41 13.51 -20.93
C LEU F 9 -18.27 13.15 -22.15
N GLN F 10 -18.88 14.17 -22.74
CA GLN F 10 -19.65 14.02 -23.98
C GLN F 10 -18.81 13.37 -25.08
N LEU F 11 -17.60 13.89 -25.29
CA LEU F 11 -16.68 13.38 -26.31
C LEU F 11 -16.23 11.95 -26.03
N LEU F 12 -15.93 11.67 -24.76
CA LEU F 12 -15.53 10.32 -24.35
C LEU F 12 -16.66 9.31 -24.51
N LEU F 13 -17.90 9.78 -24.35
CA LEU F 13 -19.08 8.95 -24.55
C LEU F 13 -19.46 8.85 -26.03
N GLY F 14 -19.04 9.85 -26.81
CA GLY F 14 -19.28 9.87 -28.24
C GLY F 14 -20.44 10.78 -28.64
N HIS F 15 -20.45 11.99 -28.11
CA HIS F 15 -21.48 12.98 -28.44
C HIS F 15 -20.90 14.16 -29.21
N TYR G 3 11.72 -15.71 14.28
CA TYR G 3 12.40 -16.25 13.07
C TYR G 3 12.89 -17.67 13.35
N ALA G 4 12.09 -18.65 12.93
CA ALA G 4 12.34 -20.06 13.27
C ALA G 4 13.63 -20.59 12.66
N SER G 5 14.49 -21.13 13.52
CA SER G 5 15.74 -21.74 13.09
C SER G 5 15.48 -23.09 12.42
N LEU G 6 16.49 -23.59 11.71
CA LEU G 6 16.39 -24.91 11.07
C LEU G 6 16.05 -26.00 12.09
N THR G 7 16.66 -25.90 13.28
CA THR G 7 16.38 -26.82 14.38
C THR G 7 14.91 -26.78 14.79
N GLU G 8 14.37 -25.57 14.91
CA GLU G 8 12.97 -25.38 15.29
C GLU G 8 12.02 -25.89 14.20
N ILE G 9 12.40 -25.68 12.94
CA ILE G 9 11.62 -26.17 11.80
C ILE G 9 11.62 -27.70 11.76
N GLU G 10 12.79 -28.30 11.95
CA GLU G 10 12.90 -29.76 12.01
C GLU G 10 12.05 -30.34 13.15
N HIS G 11 12.03 -29.64 14.29
CA HIS G 11 11.21 -30.04 15.42
C HIS G 11 9.71 -29.90 15.11
N LEU G 12 9.36 -28.88 14.33
CA LEU G 12 7.97 -28.70 13.92
C LEU G 12 7.50 -29.85 13.03
N VAL G 13 8.37 -30.27 12.10
CA VAL G 13 8.10 -31.44 11.25
C VAL G 13 7.73 -32.64 12.11
N GLN G 14 8.53 -32.91 13.14
CA GLN G 14 8.30 -34.06 14.03
C GLN G 14 7.02 -33.90 14.84
N SER G 15 6.74 -32.67 15.29
CA SER G 15 5.56 -32.41 16.11
C SER G 15 4.28 -32.59 15.31
N VAL G 16 4.26 -32.08 14.09
CA VAL G 16 3.10 -32.19 13.18
C VAL G 16 2.83 -33.65 12.83
N CYS G 17 3.89 -34.38 12.46
CA CYS G 17 3.78 -35.80 12.12
C CYS G 17 3.28 -36.64 13.30
N LYS G 18 3.72 -36.30 14.51
CA LYS G 18 3.25 -36.96 15.73
C LYS G 18 1.77 -36.69 15.99
N SER G 19 1.37 -35.42 15.89
CA SER G 19 -0.04 -35.03 16.07
C SER G 19 -0.95 -35.78 15.10
N TYR G 20 -0.52 -35.89 13.85
CA TYR G 20 -1.29 -36.61 12.84
C TYR G 20 -1.39 -38.11 13.14
N ARG G 21 -0.25 -38.73 13.44
CA ARG G 21 -0.22 -40.17 13.74
C ARG G 21 -1.16 -40.55 14.89
N GLU G 22 -1.25 -39.66 15.88
CA GLU G 22 -2.08 -39.91 17.05
C GLU G 22 -3.57 -39.69 16.78
N THR G 23 -3.89 -39.11 15.62
CA THR G 23 -5.28 -38.75 15.29
C THR G 23 -5.70 -39.16 13.88
N CYS G 24 -4.94 -40.08 13.27
CA CYS G 24 -5.15 -40.45 11.86
C CYS G 24 -6.39 -41.34 11.60
N GLN G 25 -7.08 -41.70 12.69
CA GLN G 25 -8.35 -42.43 12.66
C GLN G 25 -8.20 -43.93 12.35
N LEU G 26 -7.94 -44.27 11.10
CA LEU G 26 -7.64 -45.65 10.74
C LEU G 26 -6.18 -45.80 10.35
N ARG G 27 -5.62 -46.97 10.64
CA ARG G 27 -4.24 -47.29 10.27
C ARG G 27 -4.15 -47.55 8.77
N LEU G 28 -3.13 -47.00 8.13
CA LEU G 28 -2.93 -47.18 6.70
C LEU G 28 -2.81 -48.66 6.32
N GLU G 29 -2.14 -49.43 7.16
CA GLU G 29 -1.98 -50.88 6.94
C GLU G 29 -3.33 -51.61 6.84
N ASP G 30 -4.26 -51.25 7.73
CA ASP G 30 -5.59 -51.85 7.76
C ASP G 30 -6.37 -51.48 6.51
N LEU G 31 -6.30 -50.21 6.11
CA LEU G 31 -6.94 -49.74 4.88
C LEU G 31 -6.44 -50.49 3.65
N LEU G 32 -5.12 -50.67 3.57
CA LEU G 32 -4.51 -51.38 2.44
C LEU G 32 -4.86 -52.87 2.41
N ARG G 33 -4.90 -53.51 3.58
CA ARG G 33 -5.26 -54.94 3.67
C ARG G 33 -6.69 -55.21 3.24
N GLN G 34 -7.56 -54.23 3.43
CA GLN G 34 -8.99 -54.36 3.11
C GLN G 34 -9.30 -54.17 1.62
N ARG G 35 -8.31 -53.78 0.83
CA ARG G 35 -8.51 -53.47 -0.60
C ARG G 35 -9.12 -54.62 -1.40
N SER G 36 -8.80 -55.85 -1.03
CA SER G 36 -9.36 -57.04 -1.68
C SER G 36 -10.83 -57.30 -1.31
N ASN G 37 -11.29 -56.67 -0.24
CA ASN G 37 -12.68 -56.81 0.20
C ASN G 37 -13.59 -55.77 -0.43
N ILE G 38 -14.29 -56.18 -1.48
CA ILE G 38 -15.13 -55.29 -2.29
C ILE G 38 -16.59 -55.70 -2.19
N PHE G 39 -17.48 -54.71 -2.08
CA PHE G 39 -18.91 -54.94 -2.03
C PHE G 39 -19.39 -55.79 -3.20
N SER G 40 -20.23 -56.77 -2.88
CA SER G 40 -20.82 -57.66 -3.88
C SER G 40 -21.85 -56.93 -4.72
N ARG G 41 -22.26 -57.54 -5.83
CA ARG G 41 -23.29 -56.98 -6.69
C ARG G 41 -24.59 -56.71 -5.93
N GLU G 42 -25.01 -57.67 -5.10
CA GLU G 42 -26.24 -57.57 -4.35
C GLU G 42 -26.14 -56.50 -3.26
N GLU G 43 -24.93 -56.34 -2.69
CA GLU G 43 -24.66 -55.31 -1.70
C GLU G 43 -24.73 -53.91 -2.32
N VAL G 44 -24.12 -53.75 -3.49
CA VAL G 44 -24.17 -52.49 -4.24
C VAL G 44 -25.61 -52.15 -4.61
N THR G 45 -26.35 -53.13 -5.10
CA THR G 45 -27.76 -52.96 -5.44
C THR G 45 -28.55 -52.53 -4.18
N GLY G 46 -28.25 -53.17 -3.05
CA GLY G 46 -28.84 -52.80 -1.76
C GLY G 46 -28.67 -51.33 -1.43
N TYR G 47 -27.45 -50.83 -1.58
CA TYR G 47 -27.15 -49.42 -1.33
C TYR G 47 -27.91 -48.50 -2.28
N GLN G 48 -28.00 -48.90 -3.54
CA GLN G 48 -28.67 -48.11 -4.57
C GLN G 48 -30.18 -48.02 -4.36
N ARG G 49 -30.73 -49.01 -3.65
CA ARG G 49 -32.15 -49.07 -3.37
C ARG G 49 -32.53 -48.49 -2.00
N LYS G 50 -31.54 -48.06 -1.23
CA LYS G 50 -31.79 -47.37 0.02
C LYS G 50 -32.48 -46.03 -0.22
N SER G 51 -33.26 -45.58 0.76
CA SER G 51 -33.89 -44.27 0.70
C SER G 51 -32.84 -43.18 0.75
N MET G 52 -33.16 -42.04 0.14
CA MET G 52 -32.26 -40.88 0.16
C MET G 52 -31.93 -40.49 1.59
N TRP G 53 -32.93 -40.50 2.47
CA TRP G 53 -32.73 -40.09 3.86
C TRP G 53 -31.78 -41.04 4.61
N GLU G 54 -31.93 -42.34 4.41
CA GLU G 54 -31.08 -43.30 5.12
C GLU G 54 -29.63 -43.19 4.65
N MET G 55 -29.44 -43.04 3.34
CA MET G 55 -28.10 -42.92 2.80
C MET G 55 -27.42 -41.64 3.27
N TRP G 56 -28.15 -40.51 3.26
CA TRP G 56 -27.61 -39.25 3.77
C TRP G 56 -27.27 -39.33 5.26
N GLU G 57 -28.16 -39.94 6.04
CA GLU G 57 -27.94 -40.11 7.49
C GLU G 57 -26.64 -40.89 7.75
N ARG G 58 -26.44 -41.98 7.02
CA ARG G 58 -25.23 -42.79 7.16
C ARG G 58 -23.99 -41.97 6.84
N CYS G 59 -23.99 -41.33 5.68
CA CYS G 59 -22.84 -40.53 5.25
C CYS G 59 -22.52 -39.37 6.19
N ALA G 60 -23.57 -38.71 6.71
CA ALA G 60 -23.41 -37.61 7.65
C ALA G 60 -22.75 -38.08 8.94
N HIS G 61 -23.12 -39.27 9.38
CA HIS G 61 -22.49 -39.89 10.55
C HIS G 61 -21.00 -40.17 10.29
N HIS G 62 -20.69 -40.82 9.17
CA HIS G 62 -19.29 -41.17 8.87
C HIS G 62 -18.43 -39.93 8.68
N LEU G 63 -18.97 -38.91 8.02
CA LEU G 63 -18.26 -37.65 7.82
CA LEU G 63 -18.24 -37.67 7.83
C LEU G 63 -17.97 -37.01 9.17
N THR G 64 -18.98 -37.00 10.05
CA THR G 64 -18.84 -36.41 11.38
C THR G 64 -17.76 -37.12 12.21
N GLU G 65 -17.75 -38.45 12.16
CA GLU G 65 -16.70 -39.23 12.84
C GLU G 65 -15.31 -38.81 12.37
N ALA G 66 -15.14 -38.70 11.06
CA ALA G 66 -13.88 -38.25 10.48
C ALA G 66 -13.51 -36.84 10.96
N ILE G 67 -14.52 -35.97 11.02
CA ILE G 67 -14.32 -34.59 11.47
C ILE G 67 -13.88 -34.53 12.94
N GLN G 68 -14.46 -35.40 13.76
CA GLN G 68 -14.09 -35.46 15.17
C GLN G 68 -12.60 -35.75 15.37
N TYR G 69 -12.04 -36.61 14.52
CA TYR G 69 -10.61 -36.88 14.53
C TYR G 69 -9.79 -35.67 14.06
N VAL G 70 -10.32 -34.94 13.09
CA VAL G 70 -9.67 -33.71 12.62
C VAL G 70 -9.65 -32.64 13.72
N VAL G 71 -10.74 -32.54 14.48
CA VAL G 71 -10.78 -31.65 15.66
C VAL G 71 -9.68 -32.03 16.66
N GLU G 72 -9.52 -33.33 16.91
CA GLU G 72 -8.47 -33.82 17.80
C GLU G 72 -7.07 -33.53 17.25
N PHE G 73 -6.91 -33.64 15.92
CA PHE G 73 -5.67 -33.27 15.26
C PHE G 73 -5.33 -31.81 15.53
N ALA G 74 -6.32 -30.93 15.39
CA ALA G 74 -6.15 -29.51 15.64
C ALA G 74 -5.71 -29.23 17.08
N LYS G 75 -6.38 -29.88 18.04
CA LYS G 75 -6.08 -29.71 19.46
C LYS G 75 -4.65 -30.12 19.82
N ARG G 76 -4.08 -31.03 19.04
CA ARG G 76 -2.72 -31.52 19.27
C ARG G 76 -1.69 -30.80 18.40
N LEU G 77 -2.16 -30.02 17.43
CA LEU G 77 -1.27 -29.36 16.47
C LEU G 77 -0.56 -28.15 17.09
N SER G 78 0.76 -28.11 16.92
CA SER G 78 1.60 -27.05 17.47
C SER G 78 1.08 -25.66 17.11
N GLY G 79 0.77 -24.87 18.13
CA GLY G 79 0.38 -23.48 17.92
C GLY G 79 -1.11 -23.23 17.79
N PHE G 80 -1.88 -24.27 17.45
CA PHE G 80 -3.32 -24.12 17.23
C PHE G 80 -4.09 -23.72 18.49
N MET G 81 -3.77 -24.34 19.62
CA MET G 81 -4.50 -24.07 20.85
C MET G 81 -4.11 -22.72 21.49
N GLU G 82 -3.05 -22.11 20.98
CA GLU G 82 -2.62 -20.79 21.42
C GLU G 82 -3.35 -19.68 20.66
N LEU G 83 -4.05 -20.05 19.59
CA LEU G 83 -4.91 -19.11 18.87
C LEU G 83 -6.12 -18.77 19.72
N CYS G 84 -6.73 -17.62 19.48
CA CYS G 84 -7.94 -17.24 20.21
C CYS G 84 -9.11 -18.16 19.83
N GLN G 85 -10.07 -18.28 20.73
CA GLN G 85 -11.23 -19.14 20.52
C GLN G 85 -11.90 -18.91 19.16
N ASN G 86 -12.15 -17.64 18.83
CA ASN G 86 -12.75 -17.27 17.54
C ASN G 86 -12.03 -17.88 16.35
N ASP G 87 -10.69 -17.76 16.33
CA ASP G 87 -9.90 -18.21 15.19
C ASP G 87 -9.82 -19.72 15.08
N GLN G 88 -9.75 -20.40 16.22
CA GLN G 88 -9.86 -21.84 16.27
C GLN G 88 -11.13 -22.34 15.58
N ILE G 89 -12.25 -21.67 15.89
CA ILE G 89 -13.56 -22.02 15.32
CA ILE G 89 -13.56 -22.02 15.33
C ILE G 89 -13.60 -21.73 13.83
N VAL G 90 -13.15 -20.54 13.43
CA VAL G 90 -13.12 -20.15 12.02
C VAL G 90 -12.32 -21.16 11.21
N LEU G 91 -11.13 -21.50 11.69
CA LEU G 91 -10.26 -22.44 10.98
C LEU G 91 -10.87 -23.82 10.84
N LEU G 92 -11.45 -24.33 11.93
CA LEU G 92 -12.08 -25.65 11.90
C LEU G 92 -13.37 -25.70 11.09
N LYS G 93 -14.19 -24.67 11.21
CA LYS G 93 -15.45 -24.63 10.46
C LYS G 93 -15.19 -24.65 8.94
N ALA G 94 -14.19 -23.90 8.51
CA ALA G 94 -13.85 -23.81 7.10
C ALA G 94 -13.00 -25.00 6.63
N GLY G 95 -12.14 -25.50 7.52
CA GLY G 95 -11.11 -26.45 7.13
C GLY G 95 -11.32 -27.92 7.45
N ALA G 96 -12.21 -28.23 8.40
CA ALA G 96 -12.39 -29.62 8.84
C ALA G 96 -12.76 -30.56 7.70
N MET G 97 -13.74 -30.16 6.90
CA MET G 97 -14.16 -30.94 5.75
C MET G 97 -13.06 -31.08 4.71
N GLU G 98 -12.31 -30.00 4.49
CA GLU G 98 -11.19 -30.02 3.55
C GLU G 98 -10.13 -31.03 3.98
N VAL G 99 -9.82 -31.09 5.27
CA VAL G 99 -8.84 -32.06 5.80
C VAL G 99 -9.33 -33.49 5.62
N VAL G 100 -10.62 -33.73 5.89
CA VAL G 100 -11.21 -35.06 5.68
C VAL G 100 -11.07 -35.48 4.22
N LEU G 101 -11.40 -34.58 3.30
CA LEU G 101 -11.31 -34.89 1.86
C LEU G 101 -9.90 -35.32 1.46
N VAL G 102 -8.89 -34.63 2.00
CA VAL G 102 -7.49 -35.01 1.75
C VAL G 102 -7.16 -36.35 2.39
N ARG G 103 -7.48 -36.49 3.68
CA ARG G 103 -7.23 -37.74 4.41
C ARG G 103 -7.83 -38.96 3.71
N MET G 104 -9.03 -38.79 3.13
CA MET G 104 -9.77 -39.90 2.53
CA MET G 104 -9.78 -39.88 2.50
C MET G 104 -9.05 -40.56 1.34
N CYS G 105 -8.09 -39.86 0.73
CA CYS G 105 -7.33 -40.45 -0.37
C CYS G 105 -6.56 -41.72 0.07
N ARG G 106 -6.25 -41.81 1.37
CA ARG G 106 -5.68 -43.02 1.98
C ARG G 106 -6.56 -44.24 1.80
N ALA G 107 -7.87 -44.01 1.83
CA ALA G 107 -8.89 -45.06 1.77
C ALA G 107 -9.39 -45.25 0.34
N TYR G 108 -8.71 -44.63 -0.61
CA TYR G 108 -9.10 -44.68 -2.02
C TYR G 108 -8.14 -45.56 -2.81
N ASN G 109 -8.71 -46.47 -3.60
CA ASN G 109 -7.93 -47.36 -4.44
C ASN G 109 -8.04 -46.94 -5.89
N ALA G 110 -7.00 -46.31 -6.41
CA ALA G 110 -6.99 -45.78 -7.78
C ALA G 110 -7.07 -46.86 -8.85
N ASP G 111 -6.65 -48.08 -8.51
CA ASP G 111 -6.63 -49.19 -9.47
C ASP G 111 -8.02 -49.61 -9.93
N ASN G 112 -9.01 -49.50 -9.04
CA ASN G 112 -10.38 -49.88 -9.37
C ASN G 112 -11.41 -48.78 -9.07
N ARG G 113 -10.91 -47.60 -8.69
CA ARG G 113 -11.73 -46.43 -8.37
C ARG G 113 -12.73 -46.70 -7.24
N THR G 114 -12.26 -47.37 -6.18
CA THR G 114 -13.12 -47.66 -5.04
C THR G 114 -12.65 -46.93 -3.79
N VAL G 115 -13.58 -46.72 -2.86
CA VAL G 115 -13.28 -46.12 -1.56
C VAL G 115 -13.76 -47.05 -0.43
N PHE G 116 -13.01 -47.09 0.67
CA PHE G 116 -13.43 -47.81 1.86
C PHE G 116 -14.62 -47.11 2.51
N PHE G 117 -15.75 -47.80 2.54
CA PHE G 117 -17.00 -47.24 3.05
C PHE G 117 -17.76 -48.35 3.75
N GLU G 118 -18.08 -48.14 5.02
CA GLU G 118 -18.85 -49.11 5.82
C GLU G 118 -18.30 -50.55 5.74
N GLY G 119 -16.99 -50.67 5.85
CA GLY G 119 -16.34 -51.97 6.03
C GLY G 119 -15.81 -52.69 4.80
N LYS G 120 -16.15 -52.18 3.62
CA LYS G 120 -15.68 -52.75 2.34
C LYS G 120 -15.39 -51.63 1.35
N TYR G 121 -14.74 -51.98 0.24
CA TYR G 121 -14.49 -51.03 -0.85
C TYR G 121 -15.62 -51.02 -1.88
N GLY G 122 -16.04 -49.82 -2.27
CA GLY G 122 -17.08 -49.66 -3.29
C GLY G 122 -16.82 -48.47 -4.19
N GLY G 123 -17.33 -48.55 -5.42
CA GLY G 123 -17.20 -47.45 -6.37
C GLY G 123 -18.24 -46.36 -6.15
N MET G 124 -18.17 -45.29 -6.96
CA MET G 124 -19.06 -44.15 -6.76
C MET G 124 -20.53 -44.47 -7.01
N GLU G 125 -20.78 -45.56 -7.74
CA GLU G 125 -22.14 -46.06 -7.96
C GLU G 125 -22.84 -46.51 -6.67
N LEU G 126 -22.06 -46.71 -5.61
CA LEU G 126 -22.61 -47.06 -4.29
C LEU G 126 -23.47 -45.95 -3.70
N PHE G 127 -23.21 -44.72 -4.15
CA PHE G 127 -23.80 -43.50 -3.56
C PHE G 127 -24.97 -42.90 -4.33
N ARG G 128 -25.53 -43.66 -5.28
CA ARG G 128 -26.59 -43.16 -6.16
C ARG G 128 -27.82 -42.61 -5.43
N ALA G 129 -28.18 -43.22 -4.30
CA ALA G 129 -29.38 -42.85 -3.57
C ALA G 129 -29.31 -41.46 -2.94
N LEU G 130 -28.10 -40.93 -2.78
CA LEU G 130 -27.93 -39.57 -2.27
C LEU G 130 -28.57 -38.52 -3.19
N GLY G 131 -28.58 -38.81 -4.50
CA GLY G 131 -29.11 -37.85 -5.47
C GLY G 131 -28.24 -36.60 -5.60
N CYS G 132 -26.93 -36.79 -5.55
CA CYS G 132 -25.96 -35.73 -5.84
C CYS G 132 -24.81 -36.31 -6.66
N SER G 133 -25.16 -36.84 -7.82
CA SER G 133 -24.23 -37.56 -8.71
C SER G 133 -23.01 -36.75 -9.09
N GLU G 134 -23.23 -35.47 -9.43
CA GLU G 134 -22.15 -34.59 -9.82
C GLU G 134 -21.17 -34.36 -8.66
N LEU G 135 -21.68 -34.16 -7.45
CA LEU G 135 -20.84 -33.95 -6.28
C LEU G 135 -19.99 -35.19 -5.98
N ILE G 136 -20.64 -36.36 -5.95
CA ILE G 136 -19.95 -37.62 -5.67
C ILE G 136 -18.84 -37.89 -6.70
N SER G 137 -19.18 -37.75 -7.98
CA SER G 137 -18.17 -37.95 -9.03
C SER G 137 -17.03 -36.93 -8.94
N SER G 138 -17.34 -35.70 -8.55
CA SER G 138 -16.32 -34.66 -8.36
C SER G 138 -15.38 -35.04 -7.22
N ILE G 139 -15.95 -35.59 -6.15
CA ILE G 139 -15.16 -36.04 -5.00
C ILE G 139 -14.25 -37.22 -5.39
N PHE G 140 -14.78 -38.16 -6.17
CA PHE G 140 -13.98 -39.30 -6.64
C PHE G 140 -12.85 -38.88 -7.58
N ASP G 141 -13.12 -37.90 -8.45
CA ASP G 141 -12.10 -37.34 -9.33
C ASP G 141 -11.00 -36.66 -8.53
N PHE G 142 -11.39 -35.86 -7.54
CA PHE G 142 -10.44 -35.18 -6.65
C PHE G 142 -9.56 -36.21 -5.94
N SER G 143 -10.18 -37.28 -5.45
CA SER G 143 -9.48 -38.37 -4.78
C SER G 143 -8.49 -39.09 -5.70
N HIS G 144 -8.91 -39.30 -6.94
CA HIS G 144 -8.07 -39.96 -7.94
C HIS G 144 -6.82 -39.14 -8.26
N SER G 145 -7.01 -37.82 -8.39
CA SER G 145 -5.89 -36.91 -8.62
C SER G 145 -4.91 -36.91 -7.46
N LEU G 146 -5.44 -36.92 -6.23
CA LEU G 146 -4.59 -36.96 -5.04
C LEU G 146 -3.82 -38.26 -4.91
N SER G 147 -4.47 -39.37 -5.25
CA SER G 147 -3.86 -40.71 -5.15
C SER G 147 -2.62 -40.83 -6.04
N ALA G 148 -2.64 -40.11 -7.16
CA ALA G 148 -1.52 -40.08 -8.11
C ALA G 148 -0.23 -39.49 -7.51
N LEU G 149 -0.38 -38.71 -6.44
CA LEU G 149 0.79 -38.09 -5.80
C LEU G 149 1.50 -39.04 -4.84
N HIS G 150 0.82 -40.14 -4.49
CA HIS G 150 1.34 -41.17 -3.58
C HIS G 150 1.89 -40.60 -2.27
N PHE G 151 1.07 -39.80 -1.60
CA PHE G 151 1.42 -39.20 -0.31
C PHE G 151 1.88 -40.24 0.69
N SER G 152 2.97 -39.94 1.39
CA SER G 152 3.33 -40.68 2.58
C SER G 152 2.49 -40.13 3.74
N GLU G 153 2.45 -40.87 4.85
CA GLU G 153 1.74 -40.43 6.03
C GLU G 153 2.28 -39.12 6.59
N ASP G 154 3.60 -38.94 6.52
CA ASP G 154 4.24 -37.68 6.93
C ASP G 154 3.85 -36.52 6.02
N GLU G 155 3.73 -36.80 4.72
CA GLU G 155 3.28 -35.80 3.75
C GLU G 155 1.83 -35.38 3.97
N ILE G 156 0.97 -36.35 4.24
CA ILE G 156 -0.43 -36.06 4.59
C ILE G 156 -0.51 -35.20 5.86
N ALA G 157 0.31 -35.54 6.86
CA ALA G 157 0.38 -34.77 8.11
C ALA G 157 0.68 -33.30 7.84
N LEU G 158 1.76 -33.05 7.11
CA LEU G 158 2.24 -31.69 6.86
C LEU G 158 1.29 -30.91 5.94
N TYR G 159 0.78 -31.58 4.90
CA TYR G 159 -0.14 -30.93 3.98
C TYR G 159 -1.47 -30.59 4.65
N THR G 160 -2.04 -31.51 5.43
CA THR G 160 -3.32 -31.24 6.10
C THR G 160 -3.17 -30.18 7.21
N ALA G 161 -1.99 -30.10 7.83
CA ALA G 161 -1.69 -29.02 8.77
C ALA G 161 -1.89 -27.67 8.08
N LEU G 162 -1.40 -27.58 6.84
CA LEU G 162 -1.52 -26.37 6.02
C LEU G 162 -2.94 -26.10 5.53
N VAL G 163 -3.67 -27.17 5.20
CA VAL G 163 -5.07 -27.07 4.81
C VAL G 163 -5.87 -26.40 5.93
N LEU G 164 -5.59 -26.80 7.16
CA LEU G 164 -6.23 -26.26 8.35
C LEU G 164 -5.75 -24.86 8.72
N ILE G 165 -4.42 -24.68 8.81
CA ILE G 165 -3.85 -23.39 9.19
C ILE G 165 -3.73 -22.50 7.97
N ASN G 166 -4.86 -21.89 7.62
CA ASN G 166 -5.00 -21.07 6.43
C ASN G 166 -5.36 -19.65 6.84
N ALA G 167 -4.40 -18.74 6.70
CA ALA G 167 -4.54 -17.36 7.17
C ALA G 167 -5.51 -16.52 6.34
N HIS G 168 -5.96 -17.07 5.22
CA HIS G 168 -6.86 -16.35 4.31
C HIS G 168 -8.36 -16.56 4.60
N ARG G 169 -8.67 -17.42 5.58
CA ARG G 169 -10.06 -17.66 5.98
C ARG G 169 -10.71 -16.37 6.46
N PRO G 170 -11.88 -16.01 5.90
CA PRO G 170 -12.55 -14.81 6.37
C PRO G 170 -12.98 -14.91 7.82
N GLY G 171 -12.80 -13.83 8.57
CA GLY G 171 -13.29 -13.75 9.93
C GLY G 171 -12.25 -13.97 11.02
N LEU G 172 -10.99 -14.11 10.62
CA LEU G 172 -9.91 -14.27 11.60
C LEU G 172 -9.66 -12.96 12.33
N GLN G 173 -9.47 -13.05 13.65
CA GLN G 173 -9.24 -11.87 14.49
C GLN G 173 -7.75 -11.59 14.65
N GLU G 174 -6.94 -12.64 14.68
CA GLU G 174 -5.49 -12.49 14.80
C GLU G 174 -4.81 -13.06 13.56
N LYS G 175 -5.02 -12.41 12.41
CA LYS G 175 -4.51 -12.92 11.15
C LYS G 175 -3.00 -13.13 11.15
N ARG G 176 -2.26 -12.15 11.70
CA ARG G 176 -0.80 -12.22 11.75
C ARG G 176 -0.30 -13.45 12.51
N LYS G 177 -0.98 -13.78 13.61
CA LYS G 177 -0.62 -14.95 14.41
C LYS G 177 -0.82 -16.24 13.61
N VAL G 178 -1.92 -16.30 12.85
CA VAL G 178 -2.20 -17.45 11.98
C VAL G 178 -1.18 -17.50 10.84
N GLU G 179 -0.87 -16.32 10.29
CA GLU G 179 0.13 -16.17 9.22
C GLU G 179 1.49 -16.74 9.61
N GLN G 180 1.90 -16.47 10.85
CA GLN G 180 3.18 -16.92 11.38
C GLN G 180 3.22 -18.44 11.50
N LEU G 181 2.12 -19.01 11.99
CA LEU G 181 2.02 -20.46 12.12
C LEU G 181 1.98 -21.14 10.75
N GLN G 182 1.18 -20.57 9.84
CA GLN G 182 1.10 -21.05 8.46
C GLN G 182 2.48 -21.04 7.79
N TYR G 183 3.22 -19.96 7.98
CA TYR G 183 4.53 -19.82 7.34
C TYR G 183 5.54 -20.84 7.85
N ASN G 184 5.60 -21.02 9.17
CA ASN G 184 6.46 -22.04 9.77
C ASN G 184 6.08 -23.44 9.30
N LEU G 185 4.78 -23.69 9.14
CA LEU G 185 4.32 -24.96 8.63
C LEU G 185 4.69 -25.15 7.15
N GLU G 186 4.69 -24.06 6.39
CA GLU G 186 5.16 -24.08 5.00
C GLU G 186 6.66 -24.39 4.92
N LEU G 187 7.45 -23.77 5.80
CA LEU G 187 8.87 -24.07 5.91
C LEU G 187 9.11 -25.53 6.31
N ALA G 188 8.30 -26.03 7.25
CA ALA G 188 8.35 -27.44 7.66
C ALA G 188 8.07 -28.37 6.48
N PHE G 189 6.99 -28.08 5.74
CA PHE G 189 6.59 -28.87 4.58
C PHE G 189 7.65 -28.85 3.50
N HIS G 190 8.12 -27.66 3.14
CA HIS G 190 9.15 -27.52 2.11
C HIS G 190 10.48 -28.17 2.48
N HIS G 191 10.86 -28.07 3.75
CA HIS G 191 12.09 -28.68 4.24
C HIS G 191 12.02 -30.21 4.16
N HIS G 192 10.92 -30.78 4.64
CA HIS G 192 10.72 -32.23 4.61
C HIS G 192 10.72 -32.79 3.19
N LEU G 193 10.08 -32.06 2.26
CA LEU G 193 10.01 -32.47 0.85
C LEU G 193 11.38 -32.47 0.16
N SER G 194 12.19 -31.46 0.45
CA SER G 194 13.54 -31.36 -0.11
C SER G 194 14.45 -32.47 0.43
N LYS G 195 14.35 -32.74 1.73
CA LYS G 195 15.08 -33.82 2.38
C LYS G 195 14.78 -35.19 1.76
N THR G 196 13.51 -35.42 1.45
CA THR G 196 13.05 -36.69 0.89
C THR G 196 12.98 -36.68 -0.64
N HIS G 197 13.55 -35.64 -1.25
CA HIS G 197 13.56 -35.45 -2.71
C HIS G 197 12.15 -35.52 -3.32
N ARG G 198 11.25 -34.68 -2.81
CA ARG G 198 9.84 -34.74 -3.16
C ARG G 198 9.18 -33.38 -3.43
N GLN G 199 9.99 -32.33 -3.61
CA GLN G 199 9.46 -30.98 -3.87
C GLN G 199 8.67 -30.85 -5.18
N SER G 200 8.77 -31.87 -6.03
CA SER G 200 8.06 -31.91 -7.31
C SER G 200 6.54 -31.96 -7.16
N ILE G 201 6.06 -32.42 -6.00
CA ILE G 201 4.61 -32.55 -5.77
C ILE G 201 3.92 -31.21 -5.49
N LEU G 202 4.69 -30.18 -5.16
CA LEU G 202 4.16 -28.87 -4.81
C LEU G 202 3.30 -28.26 -5.93
N ALA G 203 3.80 -28.35 -7.17
CA ALA G 203 3.08 -27.86 -8.35
C ALA G 203 1.88 -28.75 -8.69
N LYS G 204 1.90 -29.98 -8.18
CA LYS G 204 0.86 -30.96 -8.46
C LYS G 204 -0.27 -30.96 -7.43
N LEU G 205 -0.08 -30.23 -6.34
CA LEU G 205 -1.08 -30.10 -5.28
C LEU G 205 -2.36 -29.43 -5.78
N PRO G 206 -3.53 -29.76 -5.17
CA PRO G 206 -4.82 -29.20 -5.57
C PRO G 206 -4.79 -27.68 -5.73
N PRO G 207 -5.38 -27.16 -6.82
CA PRO G 207 -5.48 -25.73 -7.08
C PRO G 207 -6.12 -24.97 -5.94
N LYS G 208 -5.78 -23.68 -5.83
CA LYS G 208 -6.21 -22.81 -4.73
C LYS G 208 -7.64 -23.06 -4.24
N GLY G 209 -8.61 -22.99 -5.16
CA GLY G 209 -10.02 -23.08 -4.81
C GLY G 209 -10.73 -24.39 -5.14
N LYS G 210 -9.96 -25.48 -5.24
CA LYS G 210 -10.54 -26.78 -5.57
C LYS G 210 -11.25 -27.42 -4.37
N LEU G 211 -10.59 -27.40 -3.22
CA LEU G 211 -11.17 -27.93 -1.99
C LEU G 211 -12.40 -27.11 -1.56
N ARG G 212 -12.31 -25.79 -1.72
CA ARG G 212 -13.41 -24.89 -1.41
C ARG G 212 -14.62 -25.14 -2.32
N SER G 213 -14.36 -25.49 -3.58
CA SER G 213 -15.41 -25.80 -4.55
C SER G 213 -16.21 -27.05 -4.14
N LEU G 214 -15.51 -28.07 -3.65
CA LEU G 214 -16.14 -29.30 -3.20
C LEU G 214 -16.98 -29.08 -1.94
N CYS G 215 -16.47 -28.27 -1.03
CA CYS G 215 -17.17 -27.93 0.21
C CYS G 215 -18.42 -27.09 -0.07
N SER G 216 -18.31 -26.18 -1.03
CA SER G 216 -19.44 -25.36 -1.46
C SER G 216 -20.56 -26.24 -2.04
N GLN G 217 -20.18 -27.15 -2.94
CA GLN G 217 -21.12 -28.10 -3.53
C GLN G 217 -21.83 -28.90 -2.44
N HIS G 218 -21.07 -29.35 -1.45
CA HIS G 218 -21.62 -30.13 -0.32
C HIS G 218 -22.71 -29.36 0.42
N VAL G 219 -22.40 -28.13 0.83
CA VAL G 219 -23.37 -27.26 1.51
C VAL G 219 -24.64 -27.08 0.65
N GLU G 220 -24.45 -26.86 -0.65
CA GLU G 220 -25.55 -26.70 -1.59
C GLU G 220 -26.44 -27.94 -1.72
N ARG G 221 -25.82 -29.11 -1.82
CA ARG G 221 -26.59 -30.35 -1.92
C ARG G 221 -27.30 -30.70 -0.61
N LEU G 222 -26.71 -30.29 0.53
CA LEU G 222 -27.37 -30.45 1.82
C LEU G 222 -28.63 -29.59 1.90
N GLN G 223 -28.58 -28.39 1.33
CA GLN G 223 -29.76 -27.52 1.24
C GLN G 223 -30.92 -28.23 0.56
N ILE G 224 -30.63 -28.86 -0.58
CA ILE G 224 -31.62 -29.61 -1.35
C ILE G 224 -32.16 -30.76 -0.50
N PHE G 225 -31.28 -31.52 0.14
CA PHE G 225 -31.71 -32.62 1.00
C PHE G 225 -32.57 -32.14 2.17
N GLN G 226 -32.13 -31.07 2.83
CA GLN G 226 -32.83 -30.52 3.99
C GLN G 226 -34.25 -30.08 3.65
N HIS G 227 -34.46 -29.58 2.43
CA HIS G 227 -35.81 -29.24 1.99
C HIS G 227 -36.69 -30.49 1.91
N LEU G 228 -36.14 -31.56 1.35
CA LEU G 228 -36.87 -32.79 1.10
C LEU G 228 -37.16 -33.57 2.38
N HIS G 229 -36.21 -33.54 3.32
CA HIS G 229 -36.31 -34.31 4.57
C HIS G 229 -35.88 -33.50 5.79
N PRO G 230 -36.64 -32.43 6.13
CA PRO G 230 -36.25 -31.54 7.24
C PRO G 230 -36.24 -32.21 8.62
N ILE G 231 -37.18 -33.12 8.85
CA ILE G 231 -37.28 -33.77 10.16
C ILE G 231 -36.13 -34.75 10.41
N VAL G 232 -35.69 -35.42 9.33
CA VAL G 232 -34.56 -36.36 9.41
C VAL G 232 -33.30 -35.61 9.86
N VAL G 233 -33.06 -34.44 9.27
CA VAL G 233 -31.92 -33.60 9.64
C VAL G 233 -31.98 -33.26 11.13
N GLN G 234 -33.15 -32.84 11.60
CA GLN G 234 -33.34 -32.43 13.00
C GLN G 234 -33.21 -33.60 13.96
N ALA G 235 -33.75 -34.75 13.59
CA ALA G 235 -33.86 -35.88 14.50
C ALA G 235 -32.66 -36.84 14.50
N ALA G 236 -31.97 -36.94 13.37
CA ALA G 236 -31.01 -38.03 13.18
C ALA G 236 -29.58 -37.63 12.85
N PHE G 237 -29.39 -36.47 12.22
CA PHE G 237 -28.06 -36.01 11.83
C PHE G 237 -27.28 -35.57 13.06
N PRO G 238 -25.94 -35.77 13.05
CA PRO G 238 -25.12 -35.29 14.16
C PRO G 238 -25.20 -33.78 14.24
N PRO G 239 -25.44 -33.23 15.45
CA PRO G 239 -25.56 -31.79 15.63
C PRO G 239 -24.35 -31.00 15.13
N LEU G 240 -23.15 -31.57 15.25
CA LEU G 240 -21.94 -30.93 14.73
C LEU G 240 -21.98 -30.81 13.21
N TYR G 241 -22.51 -31.85 12.55
CA TYR G 241 -22.67 -31.82 11.11
C TYR G 241 -23.60 -30.66 10.69
N LYS G 242 -24.73 -30.52 11.39
CA LYS G 242 -25.65 -29.39 11.16
C LYS G 242 -24.97 -28.04 11.36
N GLU G 243 -24.25 -27.90 12.46
CA GLU G 243 -23.53 -26.67 12.77
C GLU G 243 -22.53 -26.28 11.68
N LEU G 244 -21.82 -27.26 11.14
CA LEU G 244 -20.79 -26.99 10.15
C LEU G 244 -21.34 -26.73 8.75
N PHE G 245 -22.43 -27.40 8.40
CA PHE G 245 -22.85 -27.45 6.99
C PHE G 245 -24.25 -26.95 6.67
N SER G 246 -25.15 -26.93 7.66
CA SER G 246 -26.53 -26.51 7.44
C SER G 246 -26.62 -25.00 7.22
N THR G 247 -27.49 -24.59 6.30
CA THR G 247 -27.67 -23.19 5.97
C THR G 247 -28.77 -22.55 6.82
N VAL H 6 -20.95 -20.97 22.54
CA VAL H 6 -22.27 -21.04 21.83
C VAL H 6 -22.30 -22.18 20.80
N THR H 7 -21.13 -22.59 20.34
CA THR H 7 -21.04 -23.63 19.31
C THR H 7 -20.50 -24.96 19.86
N LEU H 8 -20.77 -26.04 19.13
CA LEU H 8 -20.28 -27.37 19.49
C LEU H 8 -18.77 -27.49 19.27
N LEU H 9 -18.24 -26.80 18.25
CA LEU H 9 -16.80 -26.72 18.06
C LEU H 9 -16.14 -26.14 19.30
N GLN H 10 -16.72 -25.07 19.84
CA GLN H 10 -16.25 -24.44 21.07
C GLN H 10 -16.20 -25.44 22.23
N LEU H 11 -17.27 -26.22 22.37
CA LEU H 11 -17.37 -27.21 23.44
C LEU H 11 -16.37 -28.36 23.26
N LEU H 12 -16.22 -28.82 22.02
CA LEU H 12 -15.28 -29.89 21.70
C LEU H 12 -13.82 -29.46 21.88
N LEU H 13 -13.54 -28.18 21.65
CA LEU H 13 -12.18 -27.65 21.77
C LEU H 13 -11.71 -27.54 23.23
N GLY H 14 -12.57 -27.96 24.15
CA GLY H 14 -12.22 -28.03 25.57
C GLY H 14 -12.78 -26.87 26.38
N HIS H 15 -13.18 -25.81 25.69
CA HIS H 15 -13.73 -24.60 26.32
C HIS H 15 -15.07 -24.88 26.99
#